data_4PDC
#
_entry.id   4PDC
#
_cell.length_a   43.315
_cell.length_b   101.110
_cell.length_c   91.368
_cell.angle_alpha   90.00
_cell.angle_beta   91.63
_cell.angle_gamma   90.00
#
_symmetry.space_group_name_H-M   'P 1 21 1'
#
loop_
_entity.id
_entity.type
_entity.pdbx_description
1 polymer 'NKG2-D type II integral membrane protein'
2 polymer 'CPXV018 protein'
3 water water
#
loop_
_entity_poly.entity_id
_entity_poly.type
_entity_poly.pdbx_seq_one_letter_code
_entity_poly.pdbx_strand_id
1 'polypeptide(L)'
;ESYCGPCPKNWICYKNNCYQFFDESKNWYESQASCMSQNASLLKVYSKEDQDLLKLVKSYHWMGLVHIPTNGSWQWEDGS
ILSPNLLTIIEMQKGDCALYASSFKGYIENCSTPNTYICMQRT
;
A,B,C,D
2 'polypeptide(L)'
;GHKLAFNFNLEINGSDTHSTVDVDLDDSQIITFDGKDIRPTIPFMIGDEIFLPFYKNVFSEFFSLFRRVPTSTPYEDLTY
FYECDYTDNKSTFDQDYLYNGEEYTVKTQEATNKNMWLTTSEFRLKKWFDGEDCIMHLRSLVRKMEDSKR
;
E,F
#
# COMPACT_ATOMS: atom_id res chain seq x y z
N GLU A 1 20.99 -19.70 5.19
CA GLU A 1 21.97 -18.63 4.99
C GLU A 1 23.10 -19.09 4.08
N SER A 2 23.55 -18.20 3.21
CA SER A 2 24.60 -18.52 2.24
C SER A 2 25.66 -17.44 2.17
N TYR A 3 26.77 -17.77 1.52
CA TYR A 3 27.86 -16.83 1.31
C TYR A 3 27.71 -16.14 -0.04
N CYS A 4 28.33 -14.97 -0.15
CA CYS A 4 28.30 -14.19 -1.38
C CYS A 4 29.73 -13.91 -1.84
N GLY A 5 29.97 -14.11 -3.13
CA GLY A 5 31.29 -13.89 -3.70
C GLY A 5 31.72 -15.05 -4.57
N PRO A 6 33.04 -15.27 -4.70
CA PRO A 6 34.10 -14.51 -4.04
C PRO A 6 34.24 -13.09 -4.56
N CYS A 7 34.55 -12.17 -3.65
CA CYS A 7 34.79 -10.76 -3.98
C CYS A 7 35.88 -10.22 -3.06
N PRO A 8 36.50 -9.10 -3.45
CA PRO A 8 37.42 -8.41 -2.53
C PRO A 8 36.72 -8.02 -1.23
N LYS A 9 37.46 -8.00 -0.14
CA LYS A 9 36.87 -7.81 1.20
C LYS A 9 36.22 -6.44 1.37
N ASN A 10 36.74 -5.43 0.68
CA ASN A 10 36.23 -4.07 0.82
C ASN A 10 35.27 -3.68 -0.32
N TRP A 11 34.74 -4.68 -1.02
CA TRP A 11 33.79 -4.45 -2.11
C TRP A 11 32.38 -4.91 -1.74
N ILE A 12 31.39 -4.33 -2.42
CA ILE A 12 29.99 -4.73 -2.27
C ILE A 12 29.72 -6.01 -3.04
N CYS A 13 29.16 -7.00 -2.36
CA CYS A 13 28.78 -8.26 -3.02
C CYS A 13 27.25 -8.36 -3.12
N TYR A 14 26.77 -8.66 -4.32
CA TYR A 14 25.35 -8.83 -4.55
C TYR A 14 25.15 -9.87 -5.63
N LYS A 15 24.50 -10.97 -5.25
CA LYS A 15 24.23 -12.09 -6.14
C LYS A 15 25.52 -12.58 -6.82
N ASN A 16 26.57 -12.65 -6.01
CA ASN A 16 27.88 -13.16 -6.43
C ASN A 16 28.59 -12.31 -7.50
N ASN A 17 28.08 -11.11 -7.72
CA ASN A 17 28.82 -10.08 -8.46
C ASN A 17 29.42 -9.10 -7.45
N CYS A 18 30.57 -8.51 -7.78
CA CYS A 18 31.25 -7.57 -6.88
C CYS A 18 31.22 -6.15 -7.47
N TYR A 19 30.98 -5.16 -6.62
CA TYR A 19 30.95 -3.76 -7.04
C TYR A 19 31.73 -2.86 -6.11
N GLN A 20 32.17 -1.72 -6.62
CA GLN A 20 32.65 -0.66 -5.76
C GLN A 20 32.47 0.69 -6.44
N PHE A 21 32.04 1.66 -5.64
CA PHE A 21 31.78 3.01 -6.13
C PHE A 21 32.96 3.91 -5.78
N PHE A 22 33.45 4.66 -6.75
CA PHE A 22 34.59 5.55 -6.55
C PHE A 22 34.17 7.01 -6.68
N ASP A 23 34.32 7.76 -5.59
CA ASP A 23 33.81 9.13 -5.53
C ASP A 23 34.82 10.15 -6.03
N GLU A 24 36.01 9.70 -6.40
CA GLU A 24 37.01 10.57 -7.02
C GLU A 24 36.76 10.60 -8.52
N SER A 25 36.44 11.77 -9.05
CA SER A 25 36.01 11.89 -10.43
C SER A 25 37.17 11.86 -11.40
N LYS A 26 37.01 11.08 -12.47
CA LYS A 26 38.01 10.96 -13.52
C LYS A 26 37.30 10.86 -14.87
N ASN A 27 38.03 11.10 -15.95
CA ASN A 27 37.46 10.92 -17.27
C ASN A 27 37.25 9.43 -17.50
N TRP A 28 36.56 9.07 -18.58
CA TRP A 28 36.20 7.69 -18.81
C TRP A 28 37.42 6.78 -18.92
N TYR A 29 38.45 7.26 -19.62
CA TYR A 29 39.64 6.45 -19.86
C TYR A 29 40.38 6.15 -18.55
N GLU A 30 40.56 7.19 -17.73
CA GLU A 30 41.18 7.05 -16.43
C GLU A 30 40.36 6.12 -15.53
N SER A 31 39.04 6.26 -15.59
CA SER A 31 38.14 5.38 -14.85
C SER A 31 38.32 3.94 -15.29
N GLN A 32 38.37 3.74 -16.60
CA GLN A 32 38.59 2.41 -17.18
C GLN A 32 39.89 1.81 -16.69
N ALA A 33 40.96 2.61 -16.75
CA ALA A 33 42.28 2.16 -16.31
C ALA A 33 42.26 1.82 -14.82
N SER A 34 41.49 2.59 -14.05
CA SER A 34 41.38 2.37 -12.62
C SER A 34 40.76 0.99 -12.32
N CYS A 35 39.66 0.68 -12.99
CA CYS A 35 38.99 -0.61 -12.78
C CYS A 35 39.87 -1.75 -13.27
N MET A 36 40.52 -1.56 -14.41
CA MET A 36 41.43 -2.55 -14.96
C MET A 36 42.57 -2.82 -13.98
N SER A 37 43.00 -1.76 -13.30
CA SER A 37 44.07 -1.86 -12.32
C SER A 37 43.68 -2.69 -11.11
N GLN A 38 42.39 -3.02 -10.99
CA GLN A 38 41.88 -3.75 -9.84
C GLN A 38 41.28 -5.09 -10.26
N ASN A 39 41.78 -5.64 -11.37
CA ASN A 39 41.26 -6.89 -11.90
C ASN A 39 39.75 -6.80 -12.10
N ALA A 40 39.32 -5.69 -12.67
CA ALA A 40 37.90 -5.42 -12.84
C ALA A 40 37.68 -4.57 -14.09
N SER A 41 36.43 -4.20 -14.32
CA SER A 41 36.09 -3.31 -15.43
C SER A 41 35.03 -2.33 -14.96
N LEU A 42 34.69 -1.37 -15.82
CA LEU A 42 33.61 -0.45 -15.49
C LEU A 42 32.29 -1.22 -15.47
N LEU A 43 31.30 -0.68 -14.77
CA LEU A 43 30.01 -1.34 -14.62
C LEU A 43 29.45 -1.86 -15.95
N LYS A 44 29.09 -3.14 -15.96
CA LYS A 44 28.36 -3.74 -17.07
C LYS A 44 26.95 -4.12 -16.62
N VAL A 45 25.96 -3.59 -17.33
CA VAL A 45 24.57 -3.88 -17.04
C VAL A 45 24.08 -5.01 -17.95
N TYR A 46 23.77 -6.16 -17.38
CA TYR A 46 23.43 -7.34 -18.16
C TYR A 46 22.10 -7.97 -17.74
N SER A 47 21.56 -7.53 -16.61
CA SER A 47 20.34 -8.14 -16.08
C SER A 47 19.57 -7.22 -15.14
N LYS A 48 18.31 -6.98 -15.43
CA LYS A 48 17.49 -6.15 -14.55
C LYS A 48 17.13 -6.90 -13.28
N GLU A 49 17.18 -8.22 -13.32
CA GLU A 49 16.91 -9.03 -12.13
C GLU A 49 18.15 -9.14 -11.24
N ASP A 50 19.26 -9.59 -11.82
CA ASP A 50 20.51 -9.79 -11.06
C ASP A 50 21.10 -8.49 -10.54
N GLN A 51 20.73 -7.37 -11.19
CA GLN A 51 21.27 -6.06 -10.82
C GLN A 51 20.13 -5.08 -10.54
N ASP A 52 19.04 -5.60 -9.99
CA ASP A 52 17.84 -4.80 -9.77
C ASP A 52 18.09 -3.59 -8.88
N LEU A 53 19.03 -3.71 -7.95
CA LEU A 53 19.27 -2.63 -7.00
C LEU A 53 20.00 -1.44 -7.62
N LEU A 54 20.35 -1.56 -8.90
CA LEU A 54 20.85 -0.42 -9.65
C LEU A 54 19.76 0.66 -9.77
N LYS A 55 18.51 0.27 -9.55
CA LYS A 55 17.40 1.22 -9.54
C LYS A 55 17.56 2.25 -8.43
N LEU A 56 18.18 1.83 -7.33
CA LEU A 56 18.32 2.68 -6.14
C LEU A 56 19.62 3.50 -6.14
N VAL A 57 20.43 3.37 -7.19
CA VAL A 57 21.70 4.09 -7.23
C VAL A 57 21.49 5.57 -7.50
N LYS A 58 22.04 6.39 -6.61
CA LYS A 58 21.98 7.84 -6.70
C LYS A 58 23.14 8.39 -7.51
N SER A 59 22.94 9.55 -8.11
CA SER A 59 23.97 10.26 -8.87
C SER A 59 24.29 9.56 -10.19
N TYR A 60 25.35 10.03 -10.83
CA TYR A 60 25.71 9.65 -12.20
C TYR A 60 27.16 9.17 -12.25
N HIS A 61 27.37 8.02 -12.88
CA HIS A 61 28.68 7.35 -12.82
C HIS A 61 29.06 6.73 -14.16
N TRP A 62 30.34 6.81 -14.52
CA TRP A 62 30.83 6.14 -15.72
C TRP A 62 30.56 4.64 -15.63
N MET A 63 30.00 4.08 -16.70
CA MET A 63 29.92 2.63 -16.84
C MET A 63 30.68 2.23 -18.11
N GLY A 64 30.70 0.94 -18.40
CA GLY A 64 31.58 0.41 -19.42
C GLY A 64 31.05 0.40 -20.84
N LEU A 65 30.04 1.22 -21.13
CA LEU A 65 29.51 1.31 -22.48
C LEU A 65 30.48 2.06 -23.38
N VAL A 66 30.59 1.61 -24.62
CA VAL A 66 31.49 2.21 -25.60
C VAL A 66 30.72 2.44 -26.90
N HIS A 67 30.87 3.64 -27.46
CA HIS A 67 30.19 4.00 -28.70
C HIS A 67 31.04 3.63 -29.90
N ILE A 68 30.48 2.81 -30.79
CA ILE A 68 31.13 2.48 -32.06
C ILE A 68 30.76 3.53 -33.10
N PRO A 69 31.74 4.35 -33.55
CA PRO A 69 31.40 5.38 -34.53
C PRO A 69 30.96 4.79 -35.86
N THR A 70 31.35 3.55 -36.13
CA THR A 70 31.00 2.87 -37.37
C THR A 70 29.49 2.78 -37.56
N ASN A 71 28.86 1.89 -36.80
CA ASN A 71 27.43 1.62 -36.95
C ASN A 71 26.58 2.38 -35.93
N GLY A 72 27.21 3.25 -35.14
CA GLY A 72 26.51 4.04 -34.15
C GLY A 72 25.88 3.21 -33.04
N SER A 73 26.36 1.98 -32.88
CA SER A 73 25.84 1.08 -31.86
C SER A 73 26.62 1.24 -30.56
N TRP A 74 26.10 0.63 -29.50
CA TRP A 74 26.76 0.64 -28.19
C TRP A 74 27.14 -0.77 -27.78
N GLN A 75 28.33 -0.91 -27.20
CA GLN A 75 28.78 -2.18 -26.68
C GLN A 75 29.59 -1.97 -25.41
N TRP A 76 29.78 -3.04 -24.64
CA TRP A 76 30.59 -2.99 -23.43
C TRP A 76 32.05 -3.13 -23.79
N GLU A 77 32.94 -2.74 -22.87
CA GLU A 77 34.36 -2.69 -23.16
C GLU A 77 34.95 -4.09 -23.39
N ASP A 78 34.25 -5.12 -22.92
CA ASP A 78 34.67 -6.49 -23.18
C ASP A 78 34.24 -6.93 -24.58
N GLY A 79 33.69 -6.00 -25.34
CA GLY A 79 33.28 -6.26 -26.72
C GLY A 79 31.87 -6.82 -26.82
N SER A 80 31.33 -7.28 -25.70
CA SER A 80 30.02 -7.94 -25.70
C SER A 80 28.90 -6.99 -26.10
N ILE A 81 27.75 -7.56 -26.42
CA ILE A 81 26.61 -6.81 -26.90
C ILE A 81 25.77 -6.23 -25.77
N LEU A 82 25.29 -5.01 -25.96
CA LEU A 82 24.29 -4.43 -25.06
C LEU A 82 22.94 -5.06 -25.37
N SER A 83 22.45 -5.90 -24.47
CA SER A 83 21.17 -6.56 -24.65
C SER A 83 20.07 -5.51 -24.84
N PRO A 84 19.09 -5.81 -25.71
CA PRO A 84 18.00 -4.85 -25.91
C PRO A 84 17.14 -4.66 -24.67
N ASN A 85 16.58 -3.46 -24.52
CA ASN A 85 15.64 -3.16 -23.45
C ASN A 85 16.21 -3.35 -22.06
N LEU A 86 17.49 -3.03 -21.90
CA LEU A 86 18.14 -3.03 -20.60
C LEU A 86 18.35 -1.61 -20.10
N LEU A 87 18.93 -0.80 -20.97
CA LEU A 87 19.20 0.61 -20.65
C LEU A 87 18.44 1.53 -21.59
N THR A 88 17.94 2.61 -21.03
CA THR A 88 17.39 3.70 -21.82
C THR A 88 18.51 4.71 -22.04
N ILE A 89 19.00 4.79 -23.26
CA ILE A 89 20.09 5.70 -23.59
C ILE A 89 19.51 7.07 -23.93
N ILE A 90 20.02 8.09 -23.25
CA ILE A 90 19.52 9.45 -23.38
C ILE A 90 20.61 10.35 -23.94
N GLU A 91 20.30 11.03 -25.04
CA GLU A 91 21.21 12.01 -25.60
C GLU A 91 21.27 13.24 -24.68
N MET A 92 22.48 13.72 -24.43
CA MET A 92 22.68 14.90 -23.60
C MET A 92 23.83 15.71 -24.16
N GLN A 93 25.05 15.22 -23.93
CA GLN A 93 26.25 15.84 -24.49
C GLN A 93 26.83 14.90 -25.54
N LYS A 94 27.19 15.45 -26.69
CA LYS A 94 27.76 14.65 -27.78
C LYS A 94 29.07 14.01 -27.33
N GLY A 95 29.10 12.69 -27.31
CA GLY A 95 30.27 11.94 -26.87
C GLY A 95 30.14 10.47 -27.15
N ASP A 96 31.18 9.71 -26.81
CA ASP A 96 31.22 8.27 -27.07
C ASP A 96 31.17 7.44 -25.79
N CYS A 97 30.83 8.08 -24.68
CA CYS A 97 30.71 7.40 -23.39
C CYS A 97 29.36 7.72 -22.75
N ALA A 98 28.96 6.89 -21.78
CA ALA A 98 27.69 7.08 -21.10
C ALA A 98 27.82 6.96 -19.59
N LEU A 99 27.07 7.80 -18.87
CA LEU A 99 27.00 7.76 -17.43
C LEU A 99 25.77 6.96 -16.98
N TYR A 100 25.95 5.97 -16.11
CA TYR A 100 24.81 5.25 -15.58
C TYR A 100 24.06 6.11 -14.57
N ALA A 101 22.74 6.02 -14.58
CA ALA A 101 21.92 6.61 -13.53
C ALA A 101 20.60 5.86 -13.40
N SER A 102 19.95 6.01 -12.25
CA SER A 102 18.66 5.39 -12.04
C SER A 102 17.62 6.05 -12.95
N SER A 103 16.65 5.30 -13.46
CA SER A 103 16.51 3.85 -13.27
C SER A 103 16.86 3.13 -14.58
N PHE A 104 18.01 2.45 -14.58
CA PHE A 104 18.50 1.77 -15.77
C PHE A 104 18.53 2.71 -16.96
N LYS A 105 19.15 3.86 -16.76
CA LYS A 105 19.33 4.85 -17.80
C LYS A 105 20.81 5.05 -18.05
N GLY A 106 21.12 5.58 -19.23
CA GLY A 106 22.48 5.92 -19.62
C GLY A 106 22.48 7.24 -20.33
N TYR A 107 23.18 8.22 -19.77
CA TYR A 107 23.28 9.55 -20.34
C TYR A 107 24.58 9.71 -21.12
N ILE A 108 24.47 10.00 -22.40
CA ILE A 108 25.65 10.15 -23.24
C ILE A 108 26.41 11.40 -22.83
N GLU A 109 27.71 11.24 -22.65
CA GLU A 109 28.55 12.30 -22.11
C GLU A 109 29.91 12.33 -22.78
N ASN A 110 30.55 13.50 -22.75
CA ASN A 110 31.92 13.66 -23.22
C ASN A 110 32.88 12.79 -22.41
N CYS A 111 33.57 11.89 -23.09
CA CYS A 111 34.48 10.95 -22.42
C CYS A 111 35.53 11.64 -21.57
N SER A 112 35.83 12.90 -21.90
CA SER A 112 36.91 13.63 -21.22
C SER A 112 36.42 14.37 -19.98
N THR A 113 35.13 14.36 -19.73
CA THR A 113 34.57 15.06 -18.58
C THR A 113 34.73 14.20 -17.33
N PRO A 114 35.36 14.76 -16.28
CA PRO A 114 35.56 13.91 -15.09
C PRO A 114 34.24 13.60 -14.38
N ASN A 115 34.10 12.34 -13.97
CA ASN A 115 32.92 11.88 -13.24
C ASN A 115 33.31 10.75 -12.31
N THR A 116 32.47 10.51 -11.29
CA THR A 116 32.63 9.32 -10.45
C THR A 116 32.36 8.09 -11.32
N TYR A 117 32.76 6.92 -10.84
CA TYR A 117 32.62 5.70 -11.64
C TYR A 117 32.37 4.46 -10.79
N ILE A 118 31.86 3.42 -11.43
CA ILE A 118 31.53 2.17 -10.77
C ILE A 118 32.34 1.04 -11.38
N CYS A 119 33.06 0.32 -10.53
CA CYS A 119 33.79 -0.86 -10.97
C CYS A 119 33.00 -2.11 -10.64
N MET A 120 33.18 -3.15 -11.44
CA MET A 120 32.44 -4.39 -11.29
C MET A 120 33.31 -5.61 -11.59
N GLN A 121 33.12 -6.68 -10.82
CA GLN A 121 33.74 -7.98 -11.06
C GLN A 121 32.65 -9.04 -11.14
N ARG A 122 32.62 -9.79 -12.24
CA ARG A 122 31.53 -10.74 -12.46
C ARG A 122 31.95 -12.17 -12.12
N THR A 123 33.06 -12.61 -12.68
CA THR A 123 33.60 -13.93 -12.36
C THR A 123 35.00 -14.06 -12.95
N SER B 2 38.19 -14.98 -1.14
CA SER B 2 37.36 -15.23 0.04
C SER B 2 35.94 -14.71 -0.18
N TYR B 3 35.06 -14.99 0.78
CA TYR B 3 33.64 -14.69 0.65
C TYR B 3 33.12 -13.74 1.72
N CYS B 4 32.02 -13.07 1.40
CA CYS B 4 31.32 -12.22 2.35
C CYS B 4 30.10 -12.97 2.86
N GLY B 5 29.88 -12.95 4.17
CA GLY B 5 28.75 -13.62 4.79
C GLY B 5 29.12 -14.41 6.03
N PRO B 6 28.27 -15.38 6.42
CA PRO B 6 27.02 -15.74 5.74
C PRO B 6 25.93 -14.69 5.89
N CYS B 7 25.09 -14.59 4.86
CA CYS B 7 23.94 -13.69 4.86
C CYS B 7 22.71 -14.46 4.40
N PRO B 8 21.53 -13.87 4.61
CA PRO B 8 20.34 -14.42 3.96
C PRO B 8 20.55 -14.43 2.45
N LYS B 9 19.89 -15.35 1.75
CA LYS B 9 20.07 -15.49 0.31
C LYS B 9 19.77 -14.20 -0.43
N ASN B 10 20.62 -13.88 -1.41
CA ASN B 10 20.42 -12.75 -2.31
C ASN B 10 20.42 -11.38 -1.63
N TRP B 11 20.88 -11.31 -0.40
CA TRP B 11 21.07 -10.01 0.26
C TRP B 11 22.39 -9.39 -0.19
N ILE B 12 22.51 -8.08 -0.07
CA ILE B 12 23.79 -7.42 -0.24
C ILE B 12 24.68 -7.83 0.91
N CYS B 13 25.96 -8.02 0.63
CA CYS B 13 26.94 -8.31 1.68
C CYS B 13 28.09 -7.32 1.53
N TYR B 14 28.47 -6.68 2.63
CA TYR B 14 29.45 -5.61 2.60
C TYR B 14 30.04 -5.31 3.97
N LYS B 15 31.34 -5.57 4.12
CA LYS B 15 32.07 -5.30 5.35
C LYS B 15 31.35 -5.87 6.57
N ASN B 16 31.19 -7.19 6.57
CA ASN B 16 30.63 -7.95 7.69
C ASN B 16 29.19 -7.55 8.03
N ASN B 17 28.49 -6.95 7.06
CA ASN B 17 27.07 -6.63 7.21
C ASN B 17 26.26 -7.10 6.02
N CYS B 18 25.04 -7.55 6.29
CA CYS B 18 24.09 -7.96 5.25
C CYS B 18 22.99 -6.93 5.15
N TYR B 19 22.55 -6.63 3.93
CA TYR B 19 21.50 -5.64 3.70
C TYR B 19 20.48 -6.12 2.69
N GLN B 20 19.23 -5.73 2.89
CA GLN B 20 18.21 -5.90 1.85
C GLN B 20 17.28 -4.70 1.81
N PHE B 21 16.94 -4.30 0.60
CA PHE B 21 16.05 -3.16 0.36
C PHE B 21 14.69 -3.66 -0.09
N PHE B 22 13.70 -3.58 0.79
CA PHE B 22 12.36 -4.05 0.48
C PHE B 22 11.49 -2.94 -0.09
N ASP B 23 11.04 -3.12 -1.33
CA ASP B 23 10.30 -2.08 -2.04
C ASP B 23 8.80 -2.10 -1.77
N GLU B 24 8.37 -2.97 -0.86
CA GLU B 24 6.99 -2.96 -0.38
C GLU B 24 6.81 -1.91 0.71
N SER B 25 5.84 -1.03 0.52
CA SER B 25 5.59 0.03 1.49
C SER B 25 4.89 -0.51 2.74
N LYS B 26 5.50 -0.27 3.90
CA LYS B 26 4.95 -0.69 5.17
C LYS B 26 5.19 0.40 6.20
N ASN B 27 4.35 0.46 7.23
CA ASN B 27 4.60 1.38 8.32
C ASN B 27 5.79 0.87 9.10
N TRP B 28 6.26 1.65 10.06
CA TRP B 28 7.51 1.32 10.73
C TRP B 28 7.42 -0.02 11.46
N TYR B 29 6.25 -0.33 12.00
CA TYR B 29 6.08 -1.52 12.84
C TYR B 29 5.98 -2.81 12.05
N GLU B 30 5.32 -2.78 10.89
CA GLU B 30 5.27 -3.98 10.06
C GLU B 30 6.62 -4.16 9.37
N SER B 31 7.33 -3.05 9.16
CA SER B 31 8.70 -3.10 8.64
C SER B 31 9.60 -3.80 9.66
N GLN B 32 9.47 -3.40 10.92
CA GLN B 32 10.21 -4.03 12.00
C GLN B 32 9.91 -5.53 12.09
N ALA B 33 8.63 -5.88 11.96
CA ALA B 33 8.21 -7.27 12.03
C ALA B 33 8.79 -8.06 10.87
N SER B 34 8.86 -7.43 9.70
CA SER B 34 9.40 -8.06 8.50
C SER B 34 10.88 -8.41 8.67
N CYS B 35 11.66 -7.48 9.19
CA CYS B 35 13.08 -7.73 9.39
C CYS B 35 13.29 -8.81 10.45
N MET B 36 12.48 -8.75 11.51
CA MET B 36 12.56 -9.74 12.57
C MET B 36 12.32 -11.14 12.03
N SER B 37 11.30 -11.30 11.21
CA SER B 37 10.90 -12.61 10.70
C SER B 37 11.99 -13.25 9.84
N GLN B 38 13.01 -12.47 9.51
CA GLN B 38 14.14 -12.96 8.73
C GLN B 38 15.42 -12.90 9.55
N ASN B 39 15.26 -12.96 10.87
CA ASN B 39 16.39 -12.97 11.80
C ASN B 39 17.29 -11.76 11.60
N ALA B 40 16.67 -10.61 11.34
CA ALA B 40 17.40 -9.37 11.12
C ALA B 40 16.72 -8.22 11.86
N SER B 41 17.23 -7.01 11.65
CA SER B 41 16.65 -5.81 12.22
C SER B 41 16.58 -4.73 11.15
N LEU B 42 15.87 -3.65 11.44
CA LEU B 42 15.88 -2.49 10.56
C LEU B 42 17.30 -1.92 10.54
N LEU B 43 17.61 -1.15 9.51
CA LEU B 43 18.94 -0.58 9.35
C LEU B 43 19.41 0.14 10.61
N LYS B 44 20.62 -0.20 11.06
CA LYS B 44 21.31 0.57 12.09
C LYS B 44 22.53 1.25 11.49
N VAL B 45 22.55 2.58 11.54
CA VAL B 45 23.69 3.36 11.08
C VAL B 45 24.65 3.56 12.25
N TYR B 46 25.88 3.06 12.11
CA TYR B 46 26.88 3.15 13.17
C TYR B 46 28.24 3.62 12.65
N SER B 47 28.47 3.52 11.34
CA SER B 47 29.76 3.90 10.75
C SER B 47 29.63 4.41 9.31
N LYS B 48 30.01 5.67 9.09
CA LYS B 48 29.99 6.24 7.76
C LYS B 48 30.89 5.48 6.79
N GLU B 49 31.96 4.92 7.33
CA GLU B 49 32.98 4.28 6.50
C GLU B 49 32.59 2.85 6.14
N ASP B 50 32.24 2.07 7.16
CA ASP B 50 31.84 0.68 6.94
C ASP B 50 30.51 0.59 6.21
N GLN B 51 29.73 1.66 6.26
CA GLN B 51 28.43 1.69 5.61
C GLN B 51 28.38 2.80 4.57
N ASP B 52 29.51 3.06 3.93
CA ASP B 52 29.62 4.16 2.98
C ASP B 52 28.72 3.95 1.75
N LEU B 53 28.31 2.72 1.49
CA LEU B 53 27.40 2.46 0.37
C LEU B 53 26.07 3.18 0.56
N LEU B 54 25.75 3.50 1.81
CA LEU B 54 24.51 4.21 2.11
C LEU B 54 24.49 5.61 1.51
N LYS B 55 25.65 6.08 1.05
CA LYS B 55 25.76 7.40 0.44
C LYS B 55 25.05 7.51 -0.92
N LEU B 56 24.93 6.40 -1.63
CA LEU B 56 24.38 6.43 -2.99
C LEU B 56 23.05 5.70 -3.10
N VAL B 57 22.27 5.73 -2.02
CA VAL B 57 20.95 5.13 -1.99
C VAL B 57 19.89 6.20 -2.28
N LYS B 58 19.11 6.00 -3.34
CA LYS B 58 18.02 6.90 -3.66
C LYS B 58 16.82 6.66 -2.76
N SER B 59 15.90 7.61 -2.76
CA SER B 59 14.61 7.48 -2.07
C SER B 59 14.78 7.42 -0.56
N TYR B 60 13.67 7.12 0.12
CA TYR B 60 13.60 7.17 1.57
C TYR B 60 13.19 5.81 2.10
N HIS B 61 13.78 5.40 3.22
CA HIS B 61 13.56 4.06 3.75
C HIS B 61 13.58 4.04 5.27
N TRP B 62 12.64 3.30 5.86
CA TRP B 62 12.64 3.09 7.31
C TRP B 62 13.96 2.48 7.78
N MET B 63 14.51 3.06 8.83
CA MET B 63 15.61 2.46 9.58
C MET B 63 15.17 2.27 11.02
N GLY B 64 16.01 1.64 11.83
CA GLY B 64 15.62 1.21 13.17
C GLY B 64 15.72 2.27 14.24
N LEU B 65 15.59 3.54 13.87
CA LEU B 65 15.72 4.64 14.81
C LEU B 65 14.36 5.10 15.31
N VAL B 66 14.21 5.20 16.63
CA VAL B 66 12.94 5.59 17.22
C VAL B 66 13.14 6.61 18.33
N HIS B 67 12.17 7.52 18.46
CA HIS B 67 12.21 8.56 19.47
C HIS B 67 11.31 8.18 20.63
N ILE B 68 11.88 8.17 21.83
CA ILE B 68 11.12 7.85 23.04
C ILE B 68 10.77 9.15 23.78
N PRO B 69 9.56 9.70 23.52
CA PRO B 69 9.23 10.96 24.17
C PRO B 69 8.99 10.80 25.68
N THR B 70 9.97 11.24 26.47
CA THR B 70 10.00 11.15 27.93
C THR B 70 11.43 11.40 28.34
N ASN B 71 12.35 10.92 27.51
CA ASN B 71 13.78 11.18 27.66
C ASN B 71 14.26 12.10 26.53
N GLY B 72 13.44 12.23 25.49
CA GLY B 72 13.76 13.09 24.36
C GLY B 72 15.04 12.68 23.67
N SER B 73 15.13 11.41 23.30
CA SER B 73 16.32 10.88 22.65
C SER B 73 15.96 9.89 21.55
N TRP B 74 16.85 9.79 20.56
CA TRP B 74 16.69 8.84 19.47
C TRP B 74 17.57 7.62 19.73
N GLN B 75 16.98 6.43 19.62
CA GLN B 75 17.74 5.20 19.87
C GLN B 75 17.39 4.11 18.86
N TRP B 76 18.35 3.21 18.65
CA TRP B 76 18.17 2.09 17.74
C TRP B 76 17.39 0.98 18.42
N GLU B 77 16.97 -0.01 17.64
CA GLU B 77 16.20 -1.14 18.17
C GLU B 77 16.94 -1.87 19.28
N ASP B 78 18.28 -1.90 19.21
CA ASP B 78 19.08 -2.60 20.20
C ASP B 78 19.31 -1.74 21.44
N GLY B 79 18.60 -0.61 21.53
CA GLY B 79 18.66 0.24 22.70
C GLY B 79 19.81 1.24 22.69
N SER B 80 20.77 1.04 21.79
CA SER B 80 21.92 1.93 21.73
C SER B 80 21.50 3.31 21.26
N ILE B 81 22.14 4.34 21.81
CA ILE B 81 21.82 5.71 21.47
C ILE B 81 22.41 6.04 20.10
N LEU B 82 21.76 6.98 19.40
CA LEU B 82 22.29 7.47 18.12
C LEU B 82 23.61 8.18 18.34
N SER B 83 24.69 7.61 17.81
CA SER B 83 26.01 8.20 17.97
C SER B 83 26.08 9.53 17.21
N PRO B 84 26.80 10.51 17.77
CA PRO B 84 26.86 11.83 17.14
C PRO B 84 27.63 11.84 15.83
N ASN B 85 27.43 12.87 15.01
CA ASN B 85 28.16 13.03 13.76
C ASN B 85 27.99 11.87 12.79
N LEU B 86 26.93 11.08 12.96
CA LEU B 86 26.59 10.02 12.03
C LEU B 86 25.46 10.43 11.10
N LEU B 87 24.36 10.88 11.69
CA LEU B 87 23.17 11.27 10.93
C LEU B 87 22.75 12.71 11.20
N THR B 88 22.39 13.42 10.14
CA THR B 88 21.73 14.70 10.25
C THR B 88 20.23 14.46 10.36
N ILE B 89 19.67 14.73 11.55
CA ILE B 89 18.24 14.55 11.78
C ILE B 89 17.46 15.80 11.41
N ILE B 90 16.43 15.63 10.58
CA ILE B 90 15.69 16.74 10.01
C ILE B 90 14.20 16.59 10.29
N GLU B 91 13.60 17.61 10.90
CA GLU B 91 12.15 17.57 11.13
C GLU B 91 11.44 17.74 9.80
N MET B 92 10.43 16.91 9.59
CA MET B 92 9.72 16.83 8.32
C MET B 92 8.24 16.65 8.61
N GLN B 93 7.91 15.58 9.34
CA GLN B 93 6.56 15.37 9.85
C GLN B 93 6.65 15.09 11.35
N LYS B 94 5.63 15.53 12.09
CA LYS B 94 5.56 15.23 13.51
C LYS B 94 5.46 13.71 13.68
N GLY B 95 6.40 13.12 14.39
CA GLY B 95 6.43 11.67 14.55
C GLY B 95 7.61 11.18 15.36
N ASP B 96 7.63 9.88 15.64
CA ASP B 96 8.63 9.28 16.51
C ASP B 96 9.49 8.22 15.80
N CYS B 97 9.43 8.19 14.48
CA CYS B 97 10.29 7.30 13.71
C CYS B 97 11.08 8.12 12.69
N ALA B 98 12.06 7.50 12.04
CA ALA B 98 12.95 8.20 11.13
C ALA B 98 13.22 7.43 9.84
N LEU B 99 13.10 8.13 8.73
CA LEU B 99 13.42 7.58 7.41
C LEU B 99 14.88 7.85 7.07
N TYR B 100 15.59 6.84 6.60
CA TYR B 100 16.94 7.08 6.10
C TYR B 100 16.87 7.73 4.72
N ALA B 101 17.70 8.73 4.52
CA ALA B 101 17.90 9.35 3.22
C ALA B 101 19.37 9.69 3.08
N SER B 102 19.91 9.59 1.87
CA SER B 102 21.32 9.90 1.65
C SER B 102 21.47 11.41 1.46
N SER B 103 22.62 11.98 1.81
CA SER B 103 23.75 11.27 2.40
C SER B 103 23.69 11.31 3.93
N PHE B 104 23.41 10.16 4.54
CA PHE B 104 23.37 10.03 6.00
C PHE B 104 22.47 11.05 6.68
N LYS B 105 21.22 11.10 6.22
CA LYS B 105 20.20 11.94 6.83
C LYS B 105 19.11 11.06 7.43
N GLY B 106 18.45 11.59 8.44
CA GLY B 106 17.27 10.96 9.00
C GLY B 106 16.13 11.97 8.99
N TYR B 107 15.05 11.65 8.27
CA TYR B 107 13.87 12.49 8.26
C TYR B 107 12.85 11.96 9.25
N ILE B 108 12.43 12.82 10.19
CA ILE B 108 11.44 12.43 11.18
C ILE B 108 10.09 12.24 10.49
N GLU B 109 9.47 11.10 10.74
CA GLU B 109 8.22 10.75 10.08
C GLU B 109 7.28 10.03 11.03
N ASN B 110 5.99 10.16 10.79
CA ASN B 110 4.98 9.42 11.52
C ASN B 110 5.17 7.92 11.32
N CYS B 111 5.34 7.20 12.44
CA CYS B 111 5.58 5.77 12.41
C CYS B 111 4.53 5.01 11.62
N SER B 112 3.34 5.59 11.47
CA SER B 112 2.23 4.94 10.78
C SER B 112 2.29 5.10 9.26
N THR B 113 3.20 5.94 8.77
CA THR B 113 3.29 6.23 7.35
C THR B 113 3.97 5.10 6.58
N PRO B 114 3.27 4.50 5.60
CA PRO B 114 3.93 3.44 4.82
C PRO B 114 5.15 3.94 4.06
N ASN B 115 6.27 3.24 4.19
CA ASN B 115 7.47 3.53 3.40
C ASN B 115 8.22 2.23 3.08
N THR B 116 9.08 2.28 2.08
CA THR B 116 9.97 1.16 1.82
C THR B 116 10.96 1.09 2.99
N TYR B 117 11.69 -0.02 3.11
CA TYR B 117 12.56 -0.18 4.27
C TYR B 117 13.79 -1.02 3.98
N ILE B 118 14.77 -0.89 4.87
CA ILE B 118 16.05 -1.58 4.76
C ILE B 118 16.26 -2.48 5.98
N CYS B 119 16.48 -3.76 5.74
CA CYS B 119 16.81 -4.70 6.80
C CYS B 119 18.32 -4.88 6.85
N MET B 120 18.83 -5.14 8.05
CA MET B 120 20.26 -5.29 8.27
C MET B 120 20.52 -6.45 9.21
N GLN B 121 21.57 -7.22 8.91
CA GLN B 121 21.99 -8.33 9.75
C GLN B 121 23.51 -8.37 9.81
N ARG B 122 24.06 -8.20 11.02
CA ARG B 122 25.50 -8.21 11.21
C ARG B 122 26.07 -9.61 11.04
N THR B 123 27.37 -9.67 10.75
CA THR B 123 28.08 -10.93 10.49
C THR B 123 27.42 -11.69 9.34
N GLU C 1 -36.98 -1.55 -20.91
CA GLU C 1 -37.97 -0.78 -20.15
C GLU C 1 -37.32 0.41 -19.47
N SER C 2 -36.58 0.14 -18.40
CA SER C 2 -35.93 1.18 -17.61
C SER C 2 -34.48 0.81 -17.34
N TYR C 3 -33.60 1.80 -17.51
CA TYR C 3 -32.17 1.62 -17.27
C TYR C 3 -31.71 2.47 -16.11
N CYS C 4 -30.67 1.98 -15.42
CA CYS C 4 -30.01 2.74 -14.38
C CYS C 4 -28.79 3.44 -14.98
N GLY C 5 -28.63 4.72 -14.67
CA GLY C 5 -27.48 5.48 -15.15
C GLY C 5 -27.85 6.82 -15.75
N PRO C 6 -26.98 7.37 -16.61
CA PRO C 6 -25.73 6.76 -17.04
C PRO C 6 -24.69 6.63 -15.93
N CYS C 7 -23.78 5.66 -16.07
CA CYS C 7 -22.69 5.44 -15.13
C CYS C 7 -21.42 5.11 -15.89
N PRO C 8 -20.26 5.18 -15.20
CA PRO C 8 -19.03 4.67 -15.82
C PRO C 8 -19.16 3.18 -16.13
N LYS C 9 -18.42 2.71 -17.13
CA LYS C 9 -18.50 1.32 -17.57
C LYS C 9 -18.26 0.36 -16.41
N ASN C 10 -19.13 -0.63 -16.28
CA ASN C 10 -18.96 -1.73 -15.32
C ASN C 10 -18.98 -1.30 -13.85
N TRP C 11 -19.63 -0.18 -13.56
CA TRP C 11 -19.87 0.22 -12.18
C TRP C 11 -21.22 -0.32 -11.71
N ILE C 12 -21.40 -0.37 -10.39
CA ILE C 12 -22.72 -0.65 -9.83
C ILE C 12 -23.61 0.55 -10.05
N CYS C 13 -24.87 0.32 -10.39
CA CYS C 13 -25.85 1.39 -10.49
C CYS C 13 -27.07 1.04 -9.63
N TYR C 14 -27.42 1.96 -8.73
CA TYR C 14 -28.48 1.70 -7.77
C TYR C 14 -29.14 3.00 -7.30
N LYS C 15 -30.42 3.12 -7.60
CA LYS C 15 -31.21 4.28 -7.18
C LYS C 15 -30.52 5.60 -7.50
N ASN C 16 -30.28 5.83 -8.79
CA ASN C 16 -29.72 7.08 -9.29
C ASN C 16 -28.30 7.37 -8.79
N ASN C 17 -27.60 6.34 -8.33
CA ASN C 17 -26.20 6.49 -7.91
C ASN C 17 -25.32 5.40 -8.49
N CYS C 18 -24.12 5.78 -8.91
CA CYS C 18 -23.13 4.85 -9.43
C CYS C 18 -22.07 4.58 -8.36
N TYR C 19 -21.68 3.31 -8.22
CA TYR C 19 -20.65 2.93 -7.25
C TYR C 19 -19.59 2.02 -7.87
N GLN C 20 -18.38 2.10 -7.35
CA GLN C 20 -17.36 1.11 -7.66
C GLN C 20 -16.47 0.83 -6.47
N PHE C 21 -16.23 -0.46 -6.23
CA PHE C 21 -15.39 -0.92 -5.14
C PHE C 21 -14.01 -1.26 -5.68
N PHE C 22 -13.05 -0.40 -5.38
CA PHE C 22 -11.66 -0.63 -5.81
C PHE C 22 -10.89 -1.42 -4.76
N ASP C 23 -10.39 -2.59 -5.17
CA ASP C 23 -9.67 -3.48 -4.28
C ASP C 23 -8.18 -3.16 -4.22
N GLU C 24 -7.79 -2.08 -4.89
CA GLU C 24 -6.42 -1.58 -4.81
C GLU C 24 -6.25 -0.82 -3.51
N SER C 25 -5.31 -1.26 -2.69
CA SER C 25 -5.08 -0.62 -1.39
C SER C 25 -4.36 0.72 -1.58
N LYS C 26 -5.01 1.79 -1.13
CA LYS C 26 -4.46 3.14 -1.27
C LYS C 26 -4.75 3.97 -0.03
N ASN C 27 -3.92 4.97 0.25
CA ASN C 27 -4.20 5.88 1.35
C ASN C 27 -5.36 6.79 0.93
N TRP C 28 -5.87 7.60 1.86
CA TRP C 28 -7.07 8.39 1.56
C TRP C 28 -6.84 9.40 0.44
N TYR C 29 -5.64 9.99 0.41
CA TYR C 29 -5.33 11.01 -0.59
C TYR C 29 -5.22 10.37 -1.98
N GLU C 30 -4.61 9.20 -2.03
CA GLU C 30 -4.48 8.47 -3.30
C GLU C 30 -5.86 8.02 -3.78
N SER C 31 -6.70 7.60 -2.85
CA SER C 31 -8.05 7.16 -3.17
C SER C 31 -8.91 8.32 -3.68
N GLN C 32 -8.73 9.48 -3.06
CA GLN C 32 -9.47 10.67 -3.48
C GLN C 32 -9.11 11.05 -4.92
N ALA C 33 -7.82 11.01 -5.23
CA ALA C 33 -7.34 11.34 -6.56
C ALA C 33 -7.86 10.34 -7.59
N SER C 34 -7.93 9.08 -7.19
CA SER C 34 -8.40 8.01 -8.05
C SER C 34 -9.85 8.28 -8.49
N CYS C 35 -10.70 8.61 -7.53
CA CYS C 35 -12.11 8.90 -7.82
C CYS C 35 -12.26 10.14 -8.68
N MET C 36 -11.50 11.19 -8.36
CA MET C 36 -11.56 12.44 -9.12
C MET C 36 -11.14 12.24 -10.56
N SER C 37 -10.18 11.35 -10.79
CA SER C 37 -9.67 11.08 -12.12
C SER C 37 -10.69 10.33 -12.98
N GLN C 38 -11.79 9.91 -12.34
CA GLN C 38 -12.87 9.23 -13.05
C GLN C 38 -14.16 10.05 -12.96
N ASN C 39 -14.00 11.35 -12.75
CA ASN C 39 -15.13 12.27 -12.63
C ASN C 39 -16.09 11.83 -11.54
N ALA C 40 -15.52 11.33 -10.45
CA ALA C 40 -16.29 10.85 -9.32
C ALA C 40 -15.68 11.35 -8.02
N SER C 41 -16.24 10.88 -6.91
CA SER C 41 -15.69 11.19 -5.59
C SER C 41 -15.77 9.95 -4.72
N LEU C 42 -15.13 10.02 -3.55
CA LEU C 42 -15.25 8.94 -2.58
C LEU C 42 -16.69 8.86 -2.09
N LEU C 43 -17.09 7.68 -1.64
CA LEU C 43 -18.44 7.44 -1.16
C LEU C 43 -18.93 8.56 -0.25
N LYS C 44 -20.11 9.08 -0.55
CA LYS C 44 -20.84 9.96 0.36
C LYS C 44 -22.10 9.26 0.82
N VAL C 45 -22.28 9.15 2.13
CA VAL C 45 -23.46 8.51 2.72
C VAL C 45 -24.49 9.55 3.10
N TYR C 46 -25.59 9.60 2.36
CA TYR C 46 -26.61 10.62 2.56
C TYR C 46 -27.97 10.02 2.87
N SER C 47 -28.17 8.73 2.59
CA SER C 47 -29.45 8.09 2.85
C SER C 47 -29.37 6.59 3.10
N LYS C 48 -29.86 6.17 4.26
CA LYS C 48 -29.89 4.75 4.60
C LYS C 48 -30.80 3.96 3.66
N GLU C 49 -31.85 4.61 3.17
CA GLU C 49 -32.83 3.93 2.32
C GLU C 49 -32.37 3.86 0.87
N ASP C 50 -31.87 4.97 0.34
CA ASP C 50 -31.41 5.00 -1.05
C ASP C 50 -30.08 4.28 -1.21
N GLN C 51 -29.34 4.13 -0.12
CA GLN C 51 -28.03 3.47 -0.17
C GLN C 51 -28.02 2.28 0.76
N ASP C 52 -29.15 1.59 0.84
CA ASP C 52 -29.29 0.46 1.76
C ASP C 52 -28.41 -0.72 1.36
N LEU C 53 -27.93 -0.73 0.12
CA LEU C 53 -27.01 -1.80 -0.29
C LEU C 53 -25.73 -1.76 0.55
N LEU C 54 -25.48 -0.65 1.22
CA LEU C 54 -24.26 -0.49 2.02
C LEU C 54 -24.30 -1.36 3.28
N LYS C 55 -25.48 -1.87 3.62
CA LYS C 55 -25.62 -2.79 4.74
C LYS C 55 -24.95 -4.14 4.48
N LEU C 56 -24.74 -4.47 3.21
CA LEU C 56 -24.32 -5.81 2.82
C LEU C 56 -22.84 -5.91 2.47
N VAL C 57 -22.06 -4.89 2.80
CA VAL C 57 -20.67 -4.80 2.38
C VAL C 57 -19.70 -5.25 3.48
N LYS C 58 -18.86 -6.22 3.15
CA LYS C 58 -17.82 -6.69 4.07
C LYS C 58 -16.59 -5.78 4.03
N SER C 59 -15.73 -5.94 5.03
CA SER C 59 -14.47 -5.23 5.10
C SER C 59 -14.65 -3.72 5.27
N TYR C 60 -13.53 -3.01 5.18
CA TYR C 60 -13.49 -1.58 5.46
C TYR C 60 -13.01 -0.84 4.22
N HIS C 61 -13.56 0.34 3.98
CA HIS C 61 -13.29 1.07 2.74
C HIS C 61 -13.29 2.56 2.98
N TRP C 62 -12.34 3.26 2.35
CA TRP C 62 -12.29 4.71 2.43
C TRP C 62 -13.56 5.30 1.85
N MET C 63 -14.19 6.20 2.61
CA MET C 63 -15.26 7.04 2.09
C MET C 63 -14.82 8.50 2.20
N GLY C 64 -15.68 9.41 1.76
CA GLY C 64 -15.28 10.80 1.59
C GLY C 64 -15.44 11.67 2.82
N LEU C 65 -15.47 11.05 3.99
CA LEU C 65 -15.70 11.76 5.24
C LEU C 65 -14.37 12.14 5.91
N VAL C 66 -14.20 13.42 6.19
CA VAL C 66 -12.97 13.93 6.78
C VAL C 66 -13.24 14.80 8.00
N HIS C 67 -12.21 14.97 8.82
CA HIS C 67 -12.34 15.59 10.14
C HIS C 67 -11.53 16.89 10.24
N ILE C 68 -12.20 17.97 10.61
CA ILE C 68 -11.54 19.24 10.89
C ILE C 68 -11.09 19.28 12.35
N PRO C 69 -9.78 19.23 12.61
CA PRO C 69 -9.32 19.24 14.01
C PRO C 69 -9.72 20.52 14.76
N THR C 70 -9.87 21.61 14.02
CA THR C 70 -10.22 22.90 14.59
C THR C 70 -11.49 22.83 15.44
N ASN C 71 -12.60 22.44 14.80
CA ASN C 71 -13.90 22.45 15.44
C ASN C 71 -14.49 21.05 15.62
N GLY C 72 -13.63 20.03 15.50
CA GLY C 72 -14.03 18.66 15.74
C GLY C 72 -15.19 18.19 14.88
N SER C 73 -15.34 18.78 13.70
CA SER C 73 -16.46 18.47 12.83
C SER C 73 -16.09 17.44 11.75
N TRP C 74 -17.07 16.61 11.39
CA TRP C 74 -16.91 15.65 10.30
C TRP C 74 -17.73 16.09 9.10
N GLN C 75 -17.08 16.19 7.94
CA GLN C 75 -17.78 16.64 6.73
C GLN C 75 -17.31 15.85 5.50
N TRP C 76 -18.16 15.86 4.48
CA TRP C 76 -17.84 15.22 3.20
C TRP C 76 -16.97 16.14 2.37
N GLU C 77 -16.33 15.60 1.33
CA GLU C 77 -15.39 16.38 0.55
C GLU C 77 -16.09 17.42 -0.31
N ASP C 78 -17.41 17.28 -0.47
CA ASP C 78 -18.20 18.29 -1.18
C ASP C 78 -18.50 19.47 -0.26
N GLY C 79 -18.11 19.35 1.00
CA GLY C 79 -18.24 20.44 1.97
C GLY C 79 -19.43 20.31 2.89
N SER C 80 -20.39 19.47 2.51
CA SER C 80 -21.61 19.29 3.29
C SER C 80 -21.32 18.60 4.62
N ILE C 81 -22.17 18.87 5.61
CA ILE C 81 -22.04 18.26 6.93
C ILE C 81 -22.51 16.81 6.88
N LEU C 82 -21.98 15.98 7.78
CA LEU C 82 -22.52 14.65 8.00
C LEU C 82 -23.92 14.79 8.57
N SER C 83 -24.94 14.40 7.81
CA SER C 83 -26.31 14.49 8.31
C SER C 83 -26.54 13.48 9.43
N PRO C 84 -27.49 13.77 10.33
CA PRO C 84 -27.71 12.92 11.51
C PRO C 84 -28.35 11.58 11.20
N ASN C 85 -28.16 10.61 12.10
CA ASN C 85 -28.80 9.30 12.01
C ASN C 85 -28.45 8.55 10.74
N LEU C 86 -27.22 8.72 10.26
CA LEU C 86 -26.75 8.03 9.07
C LEU C 86 -25.58 7.11 9.40
N LEU C 87 -24.60 7.64 10.13
CA LEU C 87 -23.39 6.89 10.49
C LEU C 87 -23.10 6.94 11.99
N THR C 88 -22.70 5.79 12.53
CA THR C 88 -22.13 5.74 13.86
C THR C 88 -20.62 5.91 13.73
N ILE C 89 -20.10 7.04 14.20
CA ILE C 89 -18.67 7.30 14.17
C ILE C 89 -17.99 6.67 15.39
N ILE C 90 -16.97 5.85 15.13
CA ILE C 90 -16.32 5.09 16.18
C ILE C 90 -14.82 5.38 16.22
N GLU C 91 -14.32 5.70 17.40
CA GLU C 91 -12.89 5.86 17.59
C GLU C 91 -12.20 4.52 17.36
N MET C 92 -11.10 4.55 16.63
CA MET C 92 -10.35 3.35 16.32
C MET C 92 -8.87 3.71 16.34
N GLN C 93 -8.48 4.58 15.41
CA GLN C 93 -7.11 5.06 15.35
C GLN C 93 -7.14 6.59 15.30
N LYS C 94 -6.06 7.23 15.73
CA LYS C 94 -6.00 8.68 15.66
C LYS C 94 -5.76 9.11 14.21
N GLY C 95 -6.64 9.98 13.72
CA GLY C 95 -6.58 10.41 12.34
C GLY C 95 -7.73 11.31 11.97
N ASP C 96 -7.72 11.81 10.73
CA ASP C 96 -8.71 12.77 10.27
C ASP C 96 -9.52 12.24 9.08
N CYS C 97 -9.51 10.92 8.89
CA CYS C 97 -10.29 10.28 7.83
C CYS C 97 -11.12 9.13 8.40
N ALA C 98 -12.11 8.66 7.64
CA ALA C 98 -13.03 7.64 8.12
C ALA C 98 -13.20 6.51 7.11
N LEU C 99 -13.19 5.28 7.62
CA LEU C 99 -13.46 4.10 6.83
C LEU C 99 -14.93 3.72 6.98
N TYR C 100 -15.59 3.42 5.87
CA TYR C 100 -16.93 2.86 5.96
C TYR C 100 -16.85 1.39 6.39
N ALA C 101 -17.77 1.01 7.26
CA ALA C 101 -17.95 -0.38 7.65
C ALA C 101 -19.44 -0.59 7.90
N SER C 102 -19.97 -1.75 7.49
CA SER C 102 -21.39 -2.01 7.68
C SER C 102 -21.65 -2.54 9.09
N SER C 103 -22.82 -2.27 9.65
CA SER C 103 -23.88 -1.51 9.02
C SER C 103 -23.80 -0.03 9.34
N PHE C 104 -23.50 0.77 8.32
CA PHE C 104 -23.48 2.23 8.44
C PHE C 104 -22.66 2.72 9.63
N LYS C 105 -21.38 2.38 9.62
CA LYS C 105 -20.45 2.82 10.64
C LYS C 105 -19.27 3.50 9.96
N GLY C 106 -18.65 4.41 10.70
CA GLY C 106 -17.44 5.07 10.27
C GLY C 106 -16.36 4.91 11.31
N TYR C 107 -15.29 4.17 10.99
CA TYR C 107 -14.15 4.03 11.88
C TYR C 107 -13.11 5.09 11.59
N ILE C 108 -12.71 5.84 12.62
CA ILE C 108 -11.69 6.88 12.48
C ILE C 108 -10.32 6.24 12.22
N GLU C 109 -9.66 6.68 11.15
CA GLU C 109 -8.38 6.10 10.75
C GLU C 109 -7.39 7.16 10.26
N ASN C 110 -6.10 6.85 10.40
CA ASN C 110 -5.03 7.68 9.84
C ASN C 110 -5.12 7.70 8.33
N CYS C 111 -5.15 8.90 7.75
CA CYS C 111 -5.38 9.06 6.32
C CYS C 111 -4.26 8.45 5.47
N SER C 112 -3.14 8.11 6.09
CA SER C 112 -2.01 7.50 5.39
C SER C 112 -2.14 5.99 5.26
N THR C 113 -3.11 5.42 5.98
CA THR C 113 -3.27 3.97 6.02
C THR C 113 -3.82 3.43 4.70
N PRO C 114 -3.08 2.53 4.04
CA PRO C 114 -3.64 1.92 2.82
C PRO C 114 -4.92 1.15 3.10
N ASN C 115 -5.95 1.41 2.31
CA ASN C 115 -7.20 0.68 2.39
C ASN C 115 -7.85 0.61 1.02
N THR C 116 -8.72 -0.38 0.83
CA THR C 116 -9.57 -0.39 -0.34
C THR C 116 -10.52 0.80 -0.23
N TYR C 117 -11.19 1.16 -1.32
CA TYR C 117 -12.03 2.35 -1.29
C TYR C 117 -13.23 2.26 -2.22
N ILE C 118 -14.21 3.10 -1.94
CA ILE C 118 -15.45 3.15 -2.70
C ILE C 118 -15.62 4.50 -3.38
N CYS C 119 -15.77 4.49 -4.70
CA CYS C 119 -16.05 5.69 -5.46
C CYS C 119 -17.54 5.78 -5.73
N MET C 120 -18.04 7.01 -5.82
CA MET C 120 -19.46 7.26 -6.02
C MET C 120 -19.67 8.38 -7.01
N GLN C 121 -20.69 8.24 -7.85
CA GLN C 121 -21.07 9.28 -8.80
C GLN C 121 -22.59 9.34 -8.91
N ARG C 122 -23.16 10.50 -8.61
CA ARG C 122 -24.59 10.72 -8.77
C ARG C 122 -24.93 10.92 -10.25
N THR C 123 -26.02 10.29 -10.69
CA THR C 123 -26.43 10.37 -12.10
C THR C 123 -27.05 11.72 -12.42
N GLU D 1 -18.84 6.01 -20.51
CA GLU D 1 -20.19 6.25 -20.03
C GLU D 1 -21.14 5.19 -20.58
N SER D 2 -22.03 4.68 -19.74
CA SER D 2 -22.94 3.61 -20.14
C SER D 2 -24.14 3.49 -19.21
N TYR D 3 -25.25 3.02 -19.77
CA TYR D 3 -26.42 2.65 -18.98
C TYR D 3 -26.32 1.20 -18.55
N CYS D 4 -26.86 0.89 -17.37
CA CYS D 4 -26.87 -0.47 -16.84
C CYS D 4 -28.31 -0.98 -16.77
N GLY D 5 -28.53 -2.19 -17.27
CA GLY D 5 -29.85 -2.81 -17.24
C GLY D 5 -30.20 -3.49 -18.54
N PRO D 6 -31.52 -3.61 -18.83
CA PRO D 6 -32.63 -3.12 -18.01
C PRO D 6 -32.80 -3.87 -16.69
N CYS D 7 -33.18 -3.13 -15.65
CA CYS D 7 -33.44 -3.71 -14.34
C CYS D 7 -34.61 -2.98 -13.67
N PRO D 8 -35.31 -3.65 -12.74
CA PRO D 8 -36.28 -2.93 -11.92
C PRO D 8 -35.62 -1.75 -11.20
N LYS D 9 -36.35 -0.65 -11.05
CA LYS D 9 -35.75 0.63 -10.64
C LYS D 9 -35.18 0.63 -9.22
N ASN D 10 -35.62 -0.31 -8.38
CA ASN D 10 -35.11 -0.41 -7.01
C ASN D 10 -34.26 -1.65 -6.79
N TRP D 11 -33.71 -2.18 -7.88
CA TRP D 11 -32.77 -3.30 -7.81
C TRP D 11 -31.35 -2.84 -8.12
N ILE D 12 -30.37 -3.58 -7.62
CA ILE D 12 -28.97 -3.30 -7.91
C ILE D 12 -28.59 -3.81 -9.29
N CYS D 13 -28.05 -2.93 -10.12
CA CYS D 13 -27.59 -3.32 -11.44
C CYS D 13 -26.06 -3.36 -11.48
N TYR D 14 -25.53 -4.49 -11.97
CA TYR D 14 -24.09 -4.67 -12.12
C TYR D 14 -23.80 -5.52 -13.34
N LYS D 15 -23.15 -4.91 -14.33
CA LYS D 15 -22.85 -5.57 -15.59
C LYS D 15 -24.14 -6.15 -16.19
N ASN D 16 -25.17 -5.32 -16.16
CA ASN D 16 -26.49 -5.62 -16.74
C ASN D 16 -27.26 -6.74 -16.07
N ASN D 17 -26.68 -7.34 -15.01
CA ASN D 17 -27.43 -8.27 -14.19
C ASN D 17 -28.10 -7.51 -13.04
N CYS D 18 -29.29 -7.95 -12.64
CA CYS D 18 -30.04 -7.27 -11.60
C CYS D 18 -30.11 -8.14 -10.35
N TYR D 19 -29.87 -7.53 -9.19
CA TYR D 19 -29.89 -8.24 -7.92
C TYR D 19 -30.72 -7.47 -6.90
N GLN D 20 -31.27 -8.20 -5.93
CA GLN D 20 -31.84 -7.57 -4.76
C GLN D 20 -31.69 -8.49 -3.55
N PHE D 21 -31.42 -7.88 -2.41
CA PHE D 21 -31.31 -8.61 -1.15
C PHE D 21 -32.58 -8.39 -0.34
N PHE D 22 -33.09 -9.49 0.22
CA PHE D 22 -34.32 -9.48 1.00
C PHE D 22 -34.01 -9.91 2.42
N ASP D 23 -34.26 -9.03 3.38
CA ASP D 23 -33.85 -9.26 4.76
C ASP D 23 -34.96 -9.89 5.60
N GLU D 24 -36.13 -10.10 5.00
CA GLU D 24 -37.22 -10.79 5.68
C GLU D 24 -37.02 -12.29 5.46
N SER D 25 -36.48 -12.97 6.47
CA SER D 25 -36.02 -14.34 6.32
C SER D 25 -37.14 -15.34 6.01
N LYS D 26 -36.86 -16.24 5.08
CA LYS D 26 -37.79 -17.28 4.67
C LYS D 26 -37.03 -18.58 4.45
N ASN D 27 -37.75 -19.70 4.42
CA ASN D 27 -37.11 -20.96 4.07
C ASN D 27 -36.82 -20.96 2.58
N TRP D 28 -36.09 -21.95 2.09
CA TRP D 28 -35.61 -21.92 0.71
C TRP D 28 -36.77 -21.94 -0.28
N TYR D 29 -37.81 -22.71 0.03
CA TYR D 29 -38.94 -22.86 -0.87
C TYR D 29 -39.69 -21.54 -1.03
N GLU D 30 -39.97 -20.89 0.10
CA GLU D 30 -40.64 -19.59 0.09
C GLU D 30 -39.76 -18.54 -0.58
N SER D 31 -38.45 -18.66 -0.39
CA SER D 31 -37.50 -17.75 -1.02
C SER D 31 -37.55 -17.93 -2.53
N GLN D 32 -37.53 -19.19 -2.97
CA GLN D 32 -37.65 -19.50 -4.39
C GLN D 32 -38.92 -18.90 -4.97
N ALA D 33 -40.02 -19.08 -4.25
CA ALA D 33 -41.32 -18.59 -4.71
C ALA D 33 -41.32 -17.07 -4.79
N SER D 34 -40.73 -16.42 -3.79
CA SER D 34 -40.64 -14.98 -3.77
C SER D 34 -39.93 -14.44 -5.01
N CYS D 35 -38.76 -15.00 -5.32
CA CYS D 35 -37.99 -14.57 -6.48
C CYS D 35 -38.76 -14.81 -7.78
N MET D 36 -39.43 -15.95 -7.88
CA MET D 36 -40.18 -16.30 -9.07
C MET D 36 -41.29 -15.30 -9.34
N SER D 37 -41.97 -14.88 -8.27
CA SER D 37 -43.09 -13.96 -8.39
C SER D 37 -42.62 -12.57 -8.82
N GLN D 38 -41.31 -12.34 -8.73
CA GLN D 38 -40.73 -11.06 -9.13
C GLN D 38 -39.99 -11.20 -10.47
N ASN D 39 -40.42 -12.18 -11.27
CA ASN D 39 -39.81 -12.44 -12.57
C ASN D 39 -38.30 -12.61 -12.45
N ALA D 40 -37.90 -13.44 -11.49
CA ALA D 40 -36.49 -13.65 -11.20
C ALA D 40 -36.28 -15.04 -10.62
N SER D 41 -35.04 -15.34 -10.24
CA SER D 41 -34.73 -16.57 -9.55
C SER D 41 -33.78 -16.26 -8.40
N LEU D 42 -33.54 -17.25 -7.55
CA LEU D 42 -32.53 -17.12 -6.52
C LEU D 42 -31.17 -16.90 -7.17
N LEU D 43 -30.23 -16.33 -6.41
CA LEU D 43 -28.89 -16.06 -6.91
C LEU D 43 -28.30 -17.26 -7.65
N LYS D 44 -27.80 -17.01 -8.86
CA LYS D 44 -27.06 -17.99 -9.62
C LYS D 44 -25.65 -17.45 -9.83
N VAL D 45 -24.67 -18.21 -9.35
CA VAL D 45 -23.26 -17.82 -9.47
C VAL D 45 -22.65 -18.53 -10.67
N TYR D 46 -22.35 -17.76 -11.71
CA TYR D 46 -21.89 -18.30 -12.98
C TYR D 46 -20.52 -17.76 -13.42
N SER D 47 -20.03 -16.73 -12.74
CA SER D 47 -18.76 -16.11 -13.15
C SER D 47 -18.10 -15.29 -12.04
N LYS D 48 -16.85 -15.61 -11.74
CA LYS D 48 -16.10 -14.89 -10.72
C LYS D 48 -15.72 -13.49 -11.18
N GLU D 49 -15.80 -13.24 -12.48
CA GLU D 49 -15.49 -11.92 -13.01
C GLU D 49 -16.75 -11.06 -13.11
N ASP D 50 -17.78 -11.57 -13.78
CA ASP D 50 -19.04 -10.82 -13.92
C ASP D 50 -19.72 -10.58 -12.58
N GLN D 51 -19.35 -11.38 -11.58
CA GLN D 51 -19.97 -11.30 -10.26
C GLN D 51 -18.90 -11.22 -9.18
N ASP D 52 -17.80 -10.54 -9.50
CA ASP D 52 -16.65 -10.47 -8.61
C ASP D 52 -17.00 -9.81 -7.27
N LEU D 53 -17.99 -8.93 -7.27
CA LEU D 53 -18.32 -8.20 -6.06
C LEU D 53 -19.10 -9.05 -5.05
N LEU D 54 -19.42 -10.29 -5.43
CA LEU D 54 -19.99 -11.24 -4.48
C LEU D 54 -18.98 -11.55 -3.38
N LYS D 55 -17.70 -11.25 -3.64
CA LYS D 55 -16.65 -11.36 -2.63
C LYS D 55 -16.97 -10.50 -1.40
N LEU D 56 -17.64 -9.39 -1.63
CA LEU D 56 -17.87 -8.39 -0.58
C LEU D 56 -19.21 -8.53 0.11
N VAL D 57 -19.99 -9.54 -0.25
CA VAL D 57 -21.29 -9.74 0.34
C VAL D 57 -21.19 -10.23 1.77
N LYS D 58 -21.75 -9.45 2.69
CA LYS D 58 -21.80 -9.80 4.10
C LYS D 58 -22.96 -10.73 4.39
N SER D 59 -22.79 -11.57 5.41
CA SER D 59 -23.85 -12.44 5.91
C SER D 59 -24.10 -13.63 4.98
N TYR D 60 -25.18 -14.35 5.26
CA TYR D 60 -25.46 -15.65 4.66
C TYR D 60 -26.86 -15.66 4.06
N HIS D 61 -26.98 -16.04 2.79
CA HIS D 61 -28.23 -15.91 2.05
C HIS D 61 -28.52 -17.11 1.16
N TRP D 62 -29.80 -17.46 1.05
CA TRP D 62 -30.21 -18.51 0.13
C TRP D 62 -29.82 -18.17 -1.30
N MET D 63 -29.19 -19.12 -1.99
CA MET D 63 -29.01 -19.02 -3.44
C MET D 63 -29.76 -20.16 -4.11
N GLY D 64 -29.72 -20.19 -5.45
CA GLY D 64 -30.55 -21.11 -6.22
C GLY D 64 -29.92 -22.46 -6.49
N LEU D 65 -28.99 -22.85 -5.64
CA LEU D 65 -28.34 -24.15 -5.78
C LEU D 65 -29.25 -25.25 -5.23
N VAL D 66 -29.40 -26.32 -6.01
CA VAL D 66 -30.31 -27.41 -5.69
C VAL D 66 -29.54 -28.73 -5.61
N HIS D 67 -29.80 -29.50 -4.56
CA HIS D 67 -29.14 -30.79 -4.39
C HIS D 67 -29.94 -31.90 -5.07
N ILE D 68 -29.21 -32.82 -5.70
CA ILE D 68 -29.82 -33.95 -6.38
C ILE D 68 -29.47 -35.25 -5.65
N PRO D 69 -30.41 -35.80 -4.87
CA PRO D 69 -30.11 -37.01 -4.09
C PRO D 69 -29.79 -38.23 -4.95
N THR D 70 -30.09 -38.15 -6.24
CA THR D 70 -29.87 -39.29 -7.14
C THR D 70 -28.38 -39.56 -7.29
N ASN D 71 -27.59 -38.48 -7.47
CA ASN D 71 -26.16 -38.59 -7.66
C ASN D 71 -25.38 -37.56 -6.84
N GLY D 72 -26.06 -36.99 -5.84
CA GLY D 72 -25.44 -36.04 -4.93
C GLY D 72 -24.88 -34.80 -5.60
N SER D 73 -25.38 -34.50 -6.80
CA SER D 73 -24.90 -33.36 -7.57
C SER D 73 -25.55 -32.06 -7.13
N TRP D 74 -24.81 -30.96 -7.28
CA TRP D 74 -25.37 -29.62 -7.08
C TRP D 74 -25.60 -28.96 -8.43
N GLN D 75 -26.81 -28.44 -8.64
CA GLN D 75 -27.09 -27.68 -9.85
C GLN D 75 -28.03 -26.51 -9.51
N TRP D 76 -28.18 -25.60 -10.45
CA TRP D 76 -29.04 -24.44 -10.25
C TRP D 76 -30.49 -24.83 -10.54
N GLU D 77 -31.43 -24.02 -10.03
CA GLU D 77 -32.85 -24.34 -10.14
C GLU D 77 -33.33 -24.32 -11.59
N ASP D 78 -32.55 -23.70 -12.48
CA ASP D 78 -32.90 -23.66 -13.90
C ASP D 78 -32.36 -24.89 -14.65
N GLY D 79 -31.71 -25.79 -13.91
CA GLY D 79 -31.19 -27.02 -14.48
C GLY D 79 -29.74 -26.96 -14.90
N SER D 80 -29.21 -25.76 -15.11
CA SER D 80 -27.83 -25.63 -15.59
C SER D 80 -26.83 -26.17 -14.58
N ILE D 81 -25.63 -26.47 -15.04
CA ILE D 81 -24.61 -27.08 -14.19
C ILE D 81 -23.82 -26.04 -13.40
N LEU D 82 -23.22 -26.49 -12.31
CA LEU D 82 -22.34 -25.66 -11.51
C LEU D 82 -20.94 -25.70 -12.10
N SER D 83 -20.47 -24.57 -12.63
CA SER D 83 -19.13 -24.49 -13.17
C SER D 83 -18.13 -24.97 -12.11
N PRO D 84 -17.34 -26.03 -12.41
CA PRO D 84 -16.40 -26.54 -11.41
C PRO D 84 -15.44 -25.47 -10.87
N ASN D 85 -15.17 -25.53 -9.57
CA ASN D 85 -14.22 -24.63 -8.92
C ASN D 85 -14.66 -23.16 -8.92
N LEU D 86 -15.97 -22.94 -9.01
CA LEU D 86 -16.52 -21.59 -8.88
C LEU D 86 -16.83 -21.32 -7.41
N LEU D 87 -17.61 -22.21 -6.82
CA LEU D 87 -17.97 -22.12 -5.41
C LEU D 87 -17.25 -23.18 -4.58
N THR D 88 -16.96 -22.83 -3.33
CA THR D 88 -16.49 -23.79 -2.35
C THR D 88 -17.65 -24.18 -1.46
N ILE D 89 -18.09 -25.43 -1.60
CA ILE D 89 -19.21 -25.95 -0.83
C ILE D 89 -18.74 -26.50 0.51
N ILE D 90 -19.34 -26.00 1.59
CA ILE D 90 -18.97 -26.40 2.95
C ILE D 90 -20.11 -27.14 3.63
N GLU D 91 -19.81 -28.31 4.17
CA GLU D 91 -20.78 -29.09 4.92
C GLU D 91 -20.95 -28.49 6.31
N MET D 92 -22.19 -28.26 6.70
CA MET D 92 -22.48 -27.65 7.99
C MET D 92 -23.67 -28.35 8.64
N GLN D 93 -24.84 -28.18 8.02
CA GLN D 93 -26.05 -28.87 8.45
C GLN D 93 -26.52 -29.77 7.33
N LYS D 94 -26.90 -30.99 7.67
CA LYS D 94 -27.44 -31.93 6.68
C LYS D 94 -28.67 -31.32 6.01
N GLY D 95 -28.59 -31.14 4.69
CA GLY D 95 -29.67 -30.53 3.95
C GLY D 95 -29.41 -30.54 2.46
N ASP D 96 -30.39 -30.03 1.70
CA ASP D 96 -30.33 -30.06 0.24
C ASP D 96 -30.31 -28.65 -0.36
N CYS D 97 -30.05 -27.66 0.48
CA CYS D 97 -29.98 -26.26 0.05
C CYS D 97 -28.71 -25.63 0.59
N ALA D 98 -28.28 -24.51 -0.02
CA ALA D 98 -27.03 -23.87 0.36
C ALA D 98 -27.17 -22.36 0.51
N LEU D 99 -26.50 -21.83 1.54
CA LEU D 99 -26.43 -20.40 1.77
C LEU D 99 -25.19 -19.85 1.10
N TYR D 100 -25.34 -18.80 0.30
CA TYR D 100 -24.18 -18.11 -0.21
C TYR D 100 -23.52 -17.29 0.88
N ALA D 101 -22.19 -17.25 0.87
CA ALA D 101 -21.44 -16.34 1.71
C ALA D 101 -20.08 -16.05 1.09
N SER D 102 -19.45 -14.99 1.57
CA SER D 102 -18.12 -14.62 1.11
C SER D 102 -17.11 -15.67 1.57
N SER D 103 -16.10 -16.02 0.77
CA SER D 103 -15.88 -15.54 -0.58
C SER D 103 -16.13 -16.66 -1.59
N PHE D 104 -17.22 -16.55 -2.33
CA PHE D 104 -17.68 -17.61 -3.24
C PHE D 104 -17.73 -18.95 -2.51
N LYS D 105 -18.44 -18.94 -1.38
CA LYS D 105 -18.64 -20.14 -0.59
C LYS D 105 -20.12 -20.48 -0.56
N GLY D 106 -20.40 -21.76 -0.36
CA GLY D 106 -21.75 -22.25 -0.16
C GLY D 106 -21.78 -23.11 1.08
N TYR D 107 -22.63 -22.75 2.04
CA TYR D 107 -22.83 -23.54 3.25
C TYR D 107 -24.11 -24.35 3.15
N ILE D 108 -23.98 -25.66 3.22
CA ILE D 108 -25.14 -26.54 3.14
C ILE D 108 -25.99 -26.39 4.39
N GLU D 109 -27.29 -26.20 4.20
CA GLU D 109 -28.21 -25.89 5.29
C GLU D 109 -29.56 -26.58 5.08
N ASN D 110 -30.25 -26.87 6.17
CA ASN D 110 -31.61 -27.39 6.12
C ASN D 110 -32.52 -26.43 5.35
N CYS D 111 -33.18 -26.95 4.31
CA CYS D 111 -34.00 -26.12 3.44
C CYS D 111 -35.11 -25.41 4.20
N SER D 112 -35.52 -25.98 5.33
CA SER D 112 -36.66 -25.45 6.09
C SER D 112 -36.29 -24.26 6.96
N THR D 113 -34.99 -24.06 7.19
CA THR D 113 -34.54 -23.01 8.09
C THR D 113 -34.71 -21.62 7.45
N PRO D 114 -35.40 -20.70 8.15
CA PRO D 114 -35.52 -19.34 7.61
C PRO D 114 -34.18 -18.60 7.49
N ASN D 115 -33.95 -18.00 6.33
CA ASN D 115 -32.77 -17.18 6.07
C ASN D 115 -33.11 -16.06 5.11
N THR D 116 -32.30 -15.01 5.11
CA THR D 116 -32.41 -13.96 4.10
C THR D 116 -32.08 -14.59 2.74
N TYR D 117 -32.42 -13.90 1.65
CA TYR D 117 -32.13 -14.46 0.33
C TYR D 117 -31.82 -13.38 -0.69
N ILE D 118 -31.20 -13.82 -1.78
CA ILE D 118 -30.82 -12.93 -2.87
C ILE D 118 -31.53 -13.36 -4.14
N CYS D 119 -32.28 -12.44 -4.73
CA CYS D 119 -32.90 -12.68 -6.01
C CYS D 119 -32.03 -12.10 -7.13
N MET D 120 -32.09 -12.73 -8.29
CA MET D 120 -31.30 -12.32 -9.43
C MET D 120 -32.08 -12.43 -10.74
N GLN D 121 -31.93 -11.41 -11.57
CA GLN D 121 -32.42 -11.45 -12.94
C GLN D 121 -31.22 -11.40 -13.87
N ARG D 122 -31.03 -12.45 -14.65
CA ARG D 122 -29.97 -12.50 -15.64
C ARG D 122 -30.42 -11.71 -16.87
N THR D 123 -29.47 -11.06 -17.52
CA THR D 123 -29.73 -10.29 -18.73
C THR D 123 -30.46 -11.12 -19.79
N GLY E 1 23.39 30.81 -20.07
CA GLY E 1 23.11 29.59 -19.24
C GLY E 1 21.69 29.12 -19.43
N HIS E 2 21.32 28.07 -18.71
CA HIS E 2 19.98 27.50 -18.83
C HIS E 2 19.41 27.19 -17.46
N LYS E 3 18.08 27.15 -17.38
CA LYS E 3 17.39 26.82 -16.15
C LYS E 3 16.14 26.00 -16.41
N LEU E 4 15.90 25.05 -15.51
CA LEU E 4 14.70 24.22 -15.54
C LEU E 4 13.94 24.47 -14.25
N ALA E 5 12.71 24.94 -14.36
CA ALA E 5 11.90 25.32 -13.21
C ALA E 5 10.64 24.47 -13.12
N PHE E 6 10.31 24.07 -11.89
CA PHE E 6 9.09 23.34 -11.59
C PHE E 6 8.23 24.17 -10.64
N ASN E 7 6.99 24.46 -11.04
CA ASN E 7 6.07 25.22 -10.19
C ASN E 7 4.88 24.37 -9.76
N PHE E 8 4.91 23.92 -8.51
CA PHE E 8 3.84 23.11 -7.95
C PHE E 8 2.82 24.01 -7.27
N ASN E 9 1.55 23.81 -7.61
CA ASN E 9 0.48 24.56 -6.97
C ASN E 9 -0.66 23.65 -6.50
N LEU E 10 -1.04 23.83 -5.25
CA LEU E 10 -2.22 23.17 -4.68
C LEU E 10 -3.18 24.24 -4.19
N GLU E 11 -4.31 24.38 -4.88
CA GLU E 11 -5.31 25.38 -4.54
C GLU E 11 -6.55 24.73 -3.93
N ILE E 12 -6.82 25.04 -2.66
CA ILE E 12 -8.01 24.58 -1.98
C ILE E 12 -8.98 25.75 -1.80
N ASN E 13 -10.01 25.81 -2.64
CA ASN E 13 -11.02 26.84 -2.57
C ASN E 13 -12.35 26.20 -2.21
N GLY E 14 -12.68 26.23 -0.92
CA GLY E 14 -13.91 25.60 -0.45
C GLY E 14 -13.85 24.10 -0.63
N SER E 15 -14.79 23.55 -1.39
CA SER E 15 -14.96 22.10 -1.47
C SER E 15 -14.18 21.44 -2.60
N ASP E 16 -13.76 22.21 -3.61
CA ASP E 16 -12.98 21.65 -4.70
C ASP E 16 -11.51 22.04 -4.57
N THR E 17 -10.63 21.17 -5.05
CA THR E 17 -9.19 21.38 -4.98
C THR E 17 -8.57 21.18 -6.36
N HIS E 18 -7.51 21.92 -6.63
CA HIS E 18 -6.81 21.84 -7.90
C HIS E 18 -5.31 21.63 -7.69
N SER E 19 -4.78 20.57 -8.29
CA SER E 19 -3.35 20.29 -8.23
C SER E 19 -2.77 20.49 -9.63
N THR E 20 -1.75 21.33 -9.73
CA THR E 20 -1.12 21.59 -11.03
C THR E 20 0.40 21.71 -10.89
N VAL E 21 1.09 21.32 -11.96
CA VAL E 21 2.53 21.57 -12.06
C VAL E 21 2.86 22.11 -13.44
N ASP E 22 3.73 23.12 -13.48
CA ASP E 22 4.27 23.68 -14.71
C ASP E 22 5.77 23.48 -14.76
N VAL E 23 6.28 22.99 -15.88
CA VAL E 23 7.71 22.85 -16.09
C VAL E 23 8.16 23.85 -17.14
N ASP E 24 9.06 24.75 -16.74
CA ASP E 24 9.55 25.79 -17.63
C ASP E 24 11.03 25.58 -17.93
N LEU E 25 11.37 25.59 -19.22
CA LEU E 25 12.77 25.61 -19.66
C LEU E 25 13.11 27.01 -20.15
N ASP E 26 14.03 27.67 -19.46
CA ASP E 26 14.40 29.04 -19.80
C ASP E 26 13.19 29.96 -19.88
N ASP E 27 12.38 29.94 -18.82
CA ASP E 27 11.19 30.79 -18.72
C ASP E 27 10.22 30.57 -19.88
N SER E 28 10.20 29.34 -20.38
CA SER E 28 9.23 28.92 -21.38
C SER E 28 8.63 27.58 -20.97
N GLN E 29 7.30 27.51 -20.87
CA GLN E 29 6.64 26.29 -20.42
C GLN E 29 6.76 25.19 -21.47
N ILE E 30 7.17 24.00 -21.02
CA ILE E 30 7.37 22.87 -21.91
C ILE E 30 6.49 21.68 -21.53
N ILE E 31 6.13 21.60 -20.26
CA ILE E 31 5.28 20.53 -19.75
C ILE E 31 4.25 21.09 -18.77
N THR E 32 3.07 20.50 -18.72
CA THR E 32 2.08 20.87 -17.71
C THR E 32 1.35 19.62 -17.23
N PHE E 33 0.84 19.70 -16.01
CA PHE E 33 0.23 18.58 -15.31
C PHE E 33 -0.99 19.11 -14.56
N ASP E 34 -2.15 18.49 -14.74
CA ASP E 34 -3.40 19.03 -14.20
C ASP E 34 -3.91 18.27 -12.97
N GLY E 35 -3.06 17.43 -12.40
CA GLY E 35 -3.44 16.62 -11.26
C GLY E 35 -3.68 15.19 -11.66
N LYS E 36 -4.06 14.98 -12.92
CA LYS E 36 -4.34 13.65 -13.46
C LYS E 36 -3.40 13.32 -14.61
N ASP E 37 -3.45 14.15 -15.65
CA ASP E 37 -2.69 13.89 -16.87
C ASP E 37 -1.54 14.88 -17.04
N ILE E 38 -0.49 14.40 -17.70
CA ILE E 38 0.64 15.25 -18.05
C ILE E 38 0.62 15.44 -19.56
N ARG E 39 1.15 16.55 -20.03
CA ARG E 39 1.16 16.79 -21.47
C ARG E 39 2.26 17.76 -21.89
N PRO E 40 2.81 17.55 -23.10
CA PRO E 40 3.79 18.51 -23.62
C PRO E 40 3.11 19.81 -24.04
N THR E 41 3.82 20.94 -23.92
CA THR E 41 3.29 22.24 -24.33
C THR E 41 4.26 22.94 -25.25
N ILE E 42 5.17 22.16 -25.83
CA ILE E 42 6.15 22.66 -26.78
C ILE E 42 6.39 21.53 -27.79
N PRO E 43 6.58 21.87 -29.08
CA PRO E 43 6.73 20.81 -30.07
C PRO E 43 7.81 19.77 -29.79
N PHE E 44 8.96 20.17 -29.25
CA PHE E 44 10.07 19.24 -29.11
C PHE E 44 9.83 18.22 -27.99
N MET E 45 8.75 18.39 -27.24
CA MET E 45 8.39 17.45 -26.17
C MET E 45 7.36 16.42 -26.63
N ILE E 46 6.78 16.63 -27.81
CA ILE E 46 5.80 15.69 -28.34
C ILE E 46 6.46 14.35 -28.63
N GLY E 47 5.86 13.27 -28.12
CA GLY E 47 6.35 11.93 -28.34
C GLY E 47 7.41 11.50 -27.35
N ASP E 48 7.79 12.40 -26.44
CA ASP E 48 8.80 12.06 -25.43
C ASP E 48 8.31 10.90 -24.57
N GLU E 49 9.17 9.90 -24.38
CA GLU E 49 8.82 8.69 -23.63
C GLU E 49 9.70 8.52 -22.39
N ILE E 50 10.47 9.55 -22.07
CA ILE E 50 11.42 9.49 -20.95
C ILE E 50 11.02 10.41 -19.80
N PHE E 51 10.84 11.69 -20.10
CA PHE E 51 10.61 12.67 -19.05
C PHE E 51 9.14 12.79 -18.65
N LEU E 52 8.24 12.76 -19.63
CA LEU E 52 6.81 12.86 -19.33
C LEU E 52 6.35 11.76 -18.36
N PRO E 53 6.67 10.49 -18.65
CA PRO E 53 6.17 9.44 -17.73
C PRO E 53 6.84 9.52 -16.36
N PHE E 54 8.10 9.93 -16.33
CA PHE E 54 8.82 10.10 -15.07
C PHE E 54 8.18 11.21 -14.23
N TYR E 55 7.95 12.36 -14.85
CA TYR E 55 7.35 13.50 -14.15
C TYR E 55 5.92 13.20 -13.72
N LYS E 56 5.18 12.45 -14.54
CA LYS E 56 3.81 12.12 -14.19
C LYS E 56 3.79 11.39 -12.84
N ASN E 57 4.75 10.50 -12.64
CA ASN E 57 4.84 9.77 -11.37
C ASN E 57 5.32 10.66 -10.23
N VAL E 58 6.39 11.42 -10.46
CA VAL E 58 6.91 12.30 -9.43
C VAL E 58 5.87 13.35 -9.02
N PHE E 59 5.15 13.89 -10.00
CA PHE E 59 4.18 14.94 -9.71
C PHE E 59 2.98 14.38 -8.95
N SER E 60 2.44 13.24 -9.40
CA SER E 60 1.30 12.63 -8.73
C SER E 60 1.63 12.30 -7.28
N GLU E 61 2.81 11.70 -7.08
CA GLU E 61 3.26 11.35 -5.73
C GLU E 61 3.50 12.59 -4.87
N PHE E 62 3.99 13.67 -5.47
CA PHE E 62 4.21 14.91 -4.73
C PHE E 62 2.94 15.35 -4.01
N PHE E 63 1.81 15.25 -4.69
CA PHE E 63 0.55 15.68 -4.11
C PHE E 63 -0.06 14.61 -3.20
N SER E 64 0.04 13.35 -3.60
CA SER E 64 -0.62 12.28 -2.85
C SER E 64 0.12 11.97 -1.54
N LEU E 65 1.37 12.40 -1.46
CA LEU E 65 2.16 12.25 -0.23
C LEU E 65 1.94 13.41 0.75
N PHE E 66 1.31 14.49 0.27
CA PHE E 66 1.06 15.64 1.14
C PHE E 66 -0.17 15.35 1.99
N ARG E 67 0.04 15.33 3.31
CA ARG E 67 -1.02 14.98 4.24
C ARG E 67 -1.80 16.20 4.68
N ARG E 68 -2.49 16.81 3.73
CA ARG E 68 -3.31 18.00 3.97
C ARG E 68 -4.37 17.72 5.02
N VAL E 69 -4.50 18.60 6.02
CA VAL E 69 -5.55 18.46 7.02
C VAL E 69 -6.74 19.31 6.61
N PRO E 70 -7.97 18.80 6.79
CA PRO E 70 -9.12 19.65 6.48
C PRO E 70 -9.14 20.88 7.38
N THR E 71 -9.65 22.00 6.86
CA THR E 71 -9.67 23.25 7.62
C THR E 71 -11.02 23.94 7.49
N SER E 72 -11.35 24.75 8.49
CA SER E 72 -12.50 25.63 8.41
C SER E 72 -12.16 26.86 7.56
N THR E 73 -10.86 27.08 7.37
CA THR E 73 -10.38 28.14 6.51
C THR E 73 -10.82 27.88 5.06
N PRO E 74 -11.66 28.76 4.49
CA PRO E 74 -12.29 28.46 3.20
C PRO E 74 -11.34 28.46 2.01
N TYR E 75 -10.22 29.18 2.09
CA TYR E 75 -9.30 29.27 0.96
C TYR E 75 -7.84 29.10 1.40
N GLU E 76 -7.15 28.19 0.73
CA GLU E 76 -5.72 27.99 0.93
C GLU E 76 -5.06 27.70 -0.41
N ASP E 77 -4.09 28.54 -0.77
CA ASP E 77 -3.29 28.35 -1.98
C ASP E 77 -1.85 28.13 -1.59
N LEU E 78 -1.32 26.97 -1.98
CA LEU E 78 0.05 26.59 -1.63
C LEU E 78 0.86 26.46 -2.91
N THR E 79 2.02 27.11 -2.95
CA THR E 79 2.92 27.00 -4.09
C THR E 79 4.31 26.58 -3.64
N TYR E 80 4.91 25.69 -4.42
CA TYR E 80 6.31 25.31 -4.25
C TYR E 80 7.03 25.46 -5.58
N PHE E 81 8.05 26.31 -5.59
CA PHE E 81 8.80 26.59 -6.79
C PHE E 81 10.20 26.00 -6.62
N TYR E 82 10.63 25.19 -7.58
CA TYR E 82 11.97 24.60 -7.55
C TYR E 82 12.64 24.77 -8.90
N GLU E 83 13.84 25.35 -8.88
CA GLU E 83 14.57 25.66 -10.10
C GLU E 83 16.02 25.28 -9.99
N CYS E 84 16.52 24.57 -10.99
CA CYS E 84 17.96 24.32 -11.10
C CYS E 84 18.49 25.10 -12.29
N ASP E 85 19.74 25.53 -12.18
CA ASP E 85 20.36 26.42 -13.15
C ASP E 85 21.73 25.88 -13.53
N TYR E 86 21.96 25.70 -14.82
CA TYR E 86 23.27 25.26 -15.31
C TYR E 86 23.88 26.35 -16.18
N THR E 87 24.86 27.04 -15.61
CA THR E 87 25.49 28.19 -16.22
C THR E 87 26.99 28.12 -15.96
N ASP E 88 27.78 28.18 -17.04
CA ASP E 88 29.23 28.11 -16.91
C ASP E 88 29.62 26.82 -16.20
N ASN E 89 28.96 25.73 -16.57
CA ASN E 89 29.22 24.41 -16.00
C ASN E 89 29.04 24.35 -14.49
N LYS E 90 28.36 25.34 -13.92
CA LYS E 90 28.10 25.38 -12.50
C LYS E 90 26.62 25.17 -12.20
N SER E 91 26.35 24.28 -11.25
CA SER E 91 24.98 23.95 -10.85
C SER E 91 24.56 24.77 -9.64
N THR E 92 23.48 25.53 -9.78
CA THR E 92 22.93 26.29 -8.66
C THR E 92 21.43 26.06 -8.59
N PHE E 93 20.86 26.26 -7.41
CA PHE E 93 19.49 25.90 -7.13
C PHE E 93 18.77 27.00 -6.38
N ASP E 94 17.46 27.03 -6.54
CA ASP E 94 16.61 28.03 -5.92
C ASP E 94 15.26 27.41 -5.64
N GLN E 95 14.70 27.70 -4.48
CA GLN E 95 13.35 27.24 -4.18
C GLN E 95 12.60 28.23 -3.32
N ASP E 96 11.30 28.33 -3.58
CA ASP E 96 10.43 29.28 -2.88
C ASP E 96 9.17 28.56 -2.43
N TYR E 97 8.61 29.04 -1.33
CA TYR E 97 7.33 28.57 -0.81
C TYR E 97 6.37 29.74 -0.70
N LEU E 98 5.17 29.61 -1.26
CA LEU E 98 4.16 30.65 -1.17
C LEU E 98 2.90 30.14 -0.49
N TYR E 99 2.36 30.94 0.41
CA TYR E 99 1.06 30.71 1.00
C TYR E 99 0.16 31.88 0.62
N ASN E 100 -0.88 31.59 -0.16
CA ASN E 100 -1.73 32.63 -0.73
C ASN E 100 -0.90 33.70 -1.44
N GLY E 101 0.11 33.24 -2.19
CA GLY E 101 0.89 34.12 -3.04
C GLY E 101 2.01 34.84 -2.34
N GLU E 102 2.09 34.70 -1.01
CA GLU E 102 3.10 35.39 -0.22
C GLU E 102 4.23 34.45 0.18
N GLU E 103 5.46 34.84 -0.14
CA GLU E 103 6.63 34.04 0.19
C GLU E 103 6.79 33.88 1.70
N TYR E 104 7.22 32.71 2.12
CA TYR E 104 7.55 32.49 3.52
C TYR E 104 8.65 31.43 3.61
N THR E 105 9.36 31.42 4.73
CA THR E 105 10.45 30.47 4.94
C THR E 105 10.50 29.95 6.36
N VAL E 106 9.75 30.58 7.26
CA VAL E 106 9.83 30.26 8.69
C VAL E 106 8.71 29.31 9.12
N LYS E 107 9.12 28.21 9.73
CA LYS E 107 8.18 27.24 10.29
C LYS E 107 7.75 27.68 11.68
N THR E 108 6.45 27.57 11.97
CA THR E 108 5.92 27.83 13.30
C THR E 108 5.57 26.51 13.96
N GLN E 109 5.11 26.56 15.21
CA GLN E 109 4.92 25.36 16.01
C GLN E 109 3.61 24.64 15.71
N GLU E 110 2.56 25.42 15.46
CA GLU E 110 1.22 24.87 15.23
C GLU E 110 1.18 23.93 14.03
N ALA E 111 0.29 22.94 14.09
CA ALA E 111 0.10 21.99 13.00
C ALA E 111 -0.86 22.59 11.97
N THR E 112 -0.29 23.02 10.85
CA THR E 112 -1.06 23.65 9.78
C THR E 112 -0.59 23.15 8.43
N ASN E 113 -1.43 23.33 7.42
CA ASN E 113 -1.07 23.00 6.06
C ASN E 113 0.13 23.85 5.61
N LYS E 114 0.17 25.10 6.07
CA LYS E 114 1.25 26.01 5.74
C LYS E 114 2.61 25.47 6.22
N ASN E 115 2.64 25.01 7.47
CA ASN E 115 3.88 24.46 8.02
C ASN E 115 4.28 23.13 7.40
N MET E 116 3.31 22.24 7.20
CA MET E 116 3.60 20.94 6.61
C MET E 116 4.11 21.10 5.19
N TRP E 117 3.49 22.02 4.46
CA TRP E 117 3.90 22.32 3.08
C TRP E 117 5.35 22.77 3.04
N LEU E 118 5.72 23.61 4.00
CA LEU E 118 7.07 24.16 4.09
C LEU E 118 8.10 23.09 4.42
N THR E 119 7.75 22.19 5.34
CA THR E 119 8.72 21.22 5.82
C THR E 119 8.75 19.93 5.00
N THR E 120 7.84 19.76 4.03
CA THR E 120 7.76 18.50 3.29
C THR E 120 7.82 18.61 1.77
N SER E 121 7.70 19.80 1.23
CA SER E 121 7.65 19.96 -0.22
C SER E 121 8.94 19.48 -0.90
N GLU E 122 10.09 19.98 -0.45
CA GLU E 122 11.37 19.57 -1.03
C GLU E 122 11.54 18.06 -0.89
N PHE E 123 11.24 17.56 0.31
CA PHE E 123 11.26 16.13 0.60
C PHE E 123 10.42 15.33 -0.40
N ARG E 124 9.18 15.77 -0.62
CA ARG E 124 8.26 15.04 -1.46
C ARG E 124 8.67 15.10 -2.94
N LEU E 125 9.40 16.15 -3.33
CA LEU E 125 9.91 16.27 -4.68
C LEU E 125 11.16 15.42 -4.90
N LYS E 126 12.05 15.41 -3.92
CA LYS E 126 13.39 14.86 -4.14
C LYS E 126 13.51 13.37 -3.84
N LYS E 127 12.38 12.72 -3.60
CA LYS E 127 12.39 11.29 -3.32
C LYS E 127 13.12 10.53 -4.43
N TRP E 128 12.75 10.81 -5.68
CA TRP E 128 13.39 10.17 -6.84
C TRP E 128 14.06 11.18 -7.77
N PHE E 129 14.05 12.46 -7.38
CA PHE E 129 14.48 13.55 -8.25
C PHE E 129 15.25 14.62 -7.48
N ASP E 130 16.55 14.42 -7.31
CA ASP E 130 17.37 15.37 -6.55
C ASP E 130 17.94 16.45 -7.46
N GLY E 131 18.77 17.32 -6.89
CA GLY E 131 19.31 18.44 -7.63
C GLY E 131 20.16 18.02 -8.82
N GLU E 132 20.98 17.00 -8.63
CA GLU E 132 21.82 16.50 -9.70
C GLU E 132 20.97 15.96 -10.86
N ASP E 133 19.87 15.29 -10.52
CA ASP E 133 18.93 14.83 -11.53
C ASP E 133 18.36 16.00 -12.33
N CYS E 134 17.97 17.07 -11.64
CA CYS E 134 17.39 18.23 -12.29
C CYS E 134 18.36 18.84 -13.30
N ILE E 135 19.63 18.88 -12.94
CA ILE E 135 20.66 19.42 -13.83
C ILE E 135 20.85 18.53 -15.04
N MET E 136 20.84 17.22 -14.83
CA MET E 136 21.04 16.28 -15.92
C MET E 136 19.82 16.27 -16.84
N HIS E 137 18.63 16.39 -16.27
CA HIS E 137 17.42 16.54 -17.08
C HIS E 137 17.48 17.84 -17.89
N LEU E 138 17.90 18.91 -17.22
CA LEU E 138 18.03 20.22 -17.86
C LEU E 138 18.92 20.14 -19.10
N ARG E 139 20.10 19.55 -18.94
CA ARG E 139 21.03 19.43 -20.04
C ARG E 139 20.46 18.55 -21.16
N SER E 140 19.77 17.49 -20.78
CA SER E 140 19.16 16.60 -21.78
C SER E 140 18.02 17.32 -22.51
N LEU E 141 17.28 18.17 -21.80
CA LEU E 141 16.15 18.88 -22.40
C LEU E 141 16.64 20.02 -23.30
N VAL E 142 17.73 20.66 -22.91
CA VAL E 142 18.35 21.67 -23.76
C VAL E 142 18.76 21.04 -25.08
N ARG E 143 19.23 19.79 -25.01
CA ARG E 143 19.65 19.06 -26.19
C ARG E 143 18.47 18.85 -27.16
N LYS E 144 17.35 18.35 -26.64
CA LYS E 144 16.15 18.17 -27.46
C LYS E 144 15.73 19.48 -28.09
N MET E 145 15.69 20.52 -27.27
CA MET E 145 15.21 21.83 -27.70
C MET E 145 16.08 22.40 -28.81
N GLU E 146 17.39 22.21 -28.71
CA GLU E 146 18.31 22.74 -29.71
C GLU E 146 18.28 21.91 -30.99
N ASP E 147 17.92 20.64 -30.88
CA ASP E 147 17.81 19.77 -32.05
C ASP E 147 16.39 19.74 -32.62
N SER E 148 15.54 20.65 -32.16
CA SER E 148 14.15 20.67 -32.61
C SER E 148 14.02 21.10 -34.07
N LYS E 149 13.38 20.26 -34.88
CA LYS E 149 13.20 20.55 -36.31
C LYS E 149 12.17 21.65 -36.55
N ARG E 150 11.48 22.06 -35.50
CA ARG E 150 10.49 23.14 -35.59
C ARG E 150 11.18 24.50 -35.64
N GLY F 1 -24.28 -26.90 24.65
CA GLY F 1 -24.08 -26.19 23.34
C GLY F 1 -22.63 -26.22 22.92
N HIS F 2 -22.25 -25.29 22.04
CA HIS F 2 -20.88 -25.25 21.54
C HIS F 2 -20.33 -23.82 21.52
N LYS F 3 -19.01 -23.70 21.64
CA LYS F 3 -18.37 -22.41 21.56
C LYS F 3 -17.03 -22.49 20.84
N LEU F 4 -16.74 -21.42 20.10
CA LEU F 4 -15.51 -21.29 19.36
C LEU F 4 -14.80 -20.04 19.86
N ALA F 5 -13.59 -20.22 20.38
CA ALA F 5 -12.85 -19.15 21.04
C ALA F 5 -11.51 -18.89 20.36
N PHE F 6 -11.21 -17.61 20.18
CA PHE F 6 -9.94 -17.17 19.61
C PHE F 6 -9.19 -16.36 20.65
N ASN F 7 -7.97 -16.81 20.97
CA ASN F 7 -7.13 -16.11 21.93
C ASN F 7 -5.90 -15.53 21.25
N PHE F 8 -5.92 -14.21 21.05
CA PHE F 8 -4.82 -13.48 20.42
C PHE F 8 -3.88 -12.91 21.48
N ASN F 9 -2.59 -13.15 21.31
CA ASN F 9 -1.60 -12.63 22.23
C ASN F 9 -0.42 -11.99 21.49
N LEU F 10 -0.11 -10.77 21.90
CA LEU F 10 1.08 -10.06 21.40
C LEU F 10 1.98 -9.74 22.59
N GLU F 11 3.14 -10.37 22.62
CA GLU F 11 4.14 -10.15 23.66
C GLU F 11 5.23 -9.25 23.11
N ILE F 12 5.39 -8.07 23.72
CA ILE F 12 6.38 -7.10 23.31
C ILE F 12 7.50 -7.01 24.34
N ASN F 13 8.69 -7.46 23.94
CA ASN F 13 9.86 -7.38 24.80
C ASN F 13 10.93 -6.52 24.14
N GLY F 14 10.92 -5.22 24.49
CA GLY F 14 11.78 -4.26 23.84
C GLY F 14 11.43 -4.16 22.37
N SER F 15 12.42 -4.41 21.51
CA SER F 15 12.19 -4.42 20.07
C SER F 15 11.74 -5.81 19.61
N ASP F 16 11.75 -6.76 20.53
CA ASP F 16 11.36 -8.14 20.23
C ASP F 16 9.85 -8.33 20.41
N THR F 17 9.22 -8.98 19.43
CA THR F 17 7.79 -9.28 19.52
C THR F 17 7.49 -10.74 19.17
N HIS F 18 6.48 -11.29 19.85
CA HIS F 18 5.97 -12.62 19.53
C HIS F 18 4.45 -12.56 19.41
N SER F 19 3.93 -13.01 18.28
CA SER F 19 2.49 -12.99 18.02
C SER F 19 1.95 -14.41 17.95
N THR F 20 0.92 -14.69 18.75
CA THR F 20 0.36 -16.03 18.86
C THR F 20 -1.17 -16.00 18.78
N VAL F 21 -1.75 -17.07 18.25
CA VAL F 21 -3.19 -17.25 18.31
C VAL F 21 -3.52 -18.71 18.58
N ASP F 22 -4.42 -18.93 19.53
CA ASP F 22 -4.97 -20.25 19.82
C ASP F 22 -6.47 -20.27 19.50
N VAL F 23 -6.92 -21.34 18.85
CA VAL F 23 -8.36 -21.51 18.60
C VAL F 23 -8.85 -22.72 19.37
N ASP F 24 -9.88 -22.52 20.19
CA ASP F 24 -10.45 -23.57 21.01
C ASP F 24 -11.90 -23.85 20.62
N LEU F 25 -12.21 -25.12 20.40
CA LEU F 25 -13.59 -25.56 20.20
C LEU F 25 -14.05 -26.31 21.45
N ASP F 26 -15.01 -25.73 22.17
CA ASP F 26 -15.46 -26.29 23.43
C ASP F 26 -14.27 -26.50 24.38
N ASP F 27 -13.53 -25.42 24.61
CA ASP F 27 -12.38 -25.41 25.52
C ASP F 27 -11.34 -26.49 25.18
N SER F 28 -11.33 -26.93 23.93
CA SER F 28 -10.31 -27.83 23.43
C SER F 28 -9.62 -27.19 22.24
N GLN F 29 -8.30 -27.05 22.33
CA GLN F 29 -7.51 -26.40 21.29
C GLN F 29 -7.52 -27.23 20.01
N ILE F 30 -7.84 -26.59 18.89
CA ILE F 30 -7.92 -27.28 17.59
C ILE F 30 -6.94 -26.69 16.57
N ILE F 31 -6.55 -25.44 16.78
CA ILE F 31 -5.66 -24.74 15.86
C ILE F 31 -4.71 -23.84 16.65
N THR F 32 -3.51 -23.65 16.13
CA THR F 32 -2.56 -22.70 16.71
C THR F 32 -1.81 -21.95 15.60
N PHE F 33 -1.36 -20.75 15.93
CA PHE F 33 -0.69 -19.86 14.99
C PHE F 33 0.48 -19.22 15.72
N ASP F 34 1.68 -19.25 15.12
CA ASP F 34 2.90 -18.82 15.81
C ASP F 34 3.47 -17.51 15.29
N GLY F 35 2.65 -16.76 14.56
CA GLY F 35 3.07 -15.48 14.02
C GLY F 35 3.32 -15.55 12.52
N LYS F 36 3.64 -16.74 12.03
CA LYS F 36 3.92 -16.96 10.61
C LYS F 36 3.13 -18.15 10.08
N ASP F 37 3.25 -19.28 10.75
CA ASP F 37 2.63 -20.52 10.31
C ASP F 37 1.43 -20.90 11.18
N ILE F 38 0.43 -21.51 10.54
CA ILE F 38 -0.74 -22.02 11.23
C ILE F 38 -0.70 -23.53 11.17
N ARG F 39 -1.22 -24.19 12.19
CA ARG F 39 -1.27 -25.64 12.16
C ARG F 39 -2.40 -26.22 13.00
N PRO F 40 -2.94 -27.36 12.57
CA PRO F 40 -3.97 -28.07 13.33
C PRO F 40 -3.38 -28.68 14.60
N THR F 41 -4.17 -28.79 15.66
CA THR F 41 -3.73 -29.40 16.91
C THR F 41 -4.73 -30.46 17.37
N ILE F 42 -5.54 -30.93 16.45
CA ILE F 42 -6.55 -31.96 16.72
C ILE F 42 -6.70 -32.77 15.42
N PRO F 43 -6.91 -34.09 15.53
CA PRO F 43 -6.95 -34.90 14.31
C PRO F 43 -7.96 -34.46 13.24
N PHE F 44 -9.14 -33.97 13.62
CA PHE F 44 -10.16 -33.69 12.62
C PHE F 44 -9.85 -32.43 11.81
N MET F 45 -8.82 -31.69 12.22
CA MET F 45 -8.40 -30.50 11.49
C MET F 45 -7.27 -30.80 10.50
N ILE F 46 -6.73 -32.02 10.56
CA ILE F 46 -5.69 -32.42 9.63
C ILE F 46 -6.21 -32.36 8.21
N GLY F 47 -5.48 -31.67 7.34
CA GLY F 47 -5.82 -31.61 5.93
C GLY F 47 -6.95 -30.67 5.59
N ASP F 48 -7.40 -29.89 6.58
CA ASP F 48 -8.43 -28.89 6.33
C ASP F 48 -7.92 -27.85 5.35
N GLU F 49 -8.71 -27.54 4.33
CA GLU F 49 -8.28 -26.59 3.31
C GLU F 49 -9.23 -25.40 3.22
N ILE F 50 -10.07 -25.23 4.23
CA ILE F 50 -11.02 -24.10 4.27
C ILE F 50 -10.70 -23.14 5.40
N PHE F 51 -10.64 -23.66 6.62
CA PHE F 51 -10.51 -22.80 7.79
C PHE F 51 -9.05 -22.43 8.10
N LEU F 52 -8.14 -23.37 7.95
CA LEU F 52 -6.72 -23.12 8.23
C LEU F 52 -6.17 -21.97 7.36
N PRO F 53 -6.37 -22.03 6.04
CA PRO F 53 -5.87 -20.92 5.23
C PRO F 53 -6.60 -19.61 5.50
N PHE F 54 -7.91 -19.67 5.77
CA PHE F 54 -8.68 -18.47 6.03
C PHE F 54 -8.19 -17.78 7.31
N TYR F 55 -8.01 -18.57 8.36
CA TYR F 55 -7.51 -18.04 9.63
C TYR F 55 -6.07 -17.54 9.50
N LYS F 56 -5.26 -18.23 8.71
CA LYS F 56 -3.88 -17.81 8.52
C LYS F 56 -3.82 -16.35 8.05
N ASN F 57 -4.69 -16.01 7.10
CA ASN F 57 -4.75 -14.64 6.59
C ASN F 57 -5.36 -13.67 7.60
N VAL F 58 -6.45 -14.08 8.23
CA VAL F 58 -7.11 -13.23 9.23
C VAL F 58 -6.17 -12.96 10.40
N PHE F 59 -5.52 -14.00 10.89
CA PHE F 59 -4.64 -13.88 12.05
C PHE F 59 -3.42 -13.01 11.71
N SER F 60 -2.80 -13.26 10.57
CA SER F 60 -1.63 -12.49 10.19
C SER F 60 -1.98 -11.01 10.00
N GLU F 61 -3.16 -10.73 9.43
CA GLU F 61 -3.59 -9.35 9.24
C GLU F 61 -3.96 -8.68 10.55
N PHE F 62 -4.50 -9.45 11.49
CA PHE F 62 -4.82 -8.94 12.81
C PHE F 62 -3.60 -8.26 13.43
N PHE F 63 -2.44 -8.90 13.31
CA PHE F 63 -1.23 -8.37 13.91
C PHE F 63 -0.59 -7.30 13.04
N SER F 64 -0.54 -7.52 11.73
CA SER F 64 0.14 -6.58 10.84
C SER F 64 -0.61 -5.25 10.73
N LEU F 65 -1.89 -5.25 11.09
CA LEU F 65 -2.68 -4.02 11.06
C LEU F 65 -2.48 -3.19 12.32
N PHE F 66 -1.94 -3.80 13.37
CA PHE F 66 -1.78 -3.12 14.64
C PHE F 66 -0.57 -2.18 14.62
N ARG F 67 -0.83 -0.89 14.77
CA ARG F 67 0.22 0.10 14.90
C ARG F 67 0.39 0.50 16.34
N ARG F 68 1.65 0.53 16.79
CA ARG F 68 1.97 0.78 18.18
C ARG F 68 2.51 2.19 18.34
N VAL F 69 2.99 2.49 19.53
CA VAL F 69 3.64 3.76 19.82
C VAL F 69 4.97 3.46 20.52
N PRO F 70 6.01 4.27 20.27
CA PRO F 70 7.26 4.02 20.99
C PRO F 70 7.14 4.36 22.47
N THR F 71 7.60 3.44 23.32
CA THR F 71 7.49 3.64 24.77
C THR F 71 8.74 3.14 25.48
N SER F 72 8.99 3.70 26.65
CA SER F 72 10.11 3.28 27.48
C SER F 72 9.83 1.92 28.13
N THR F 73 8.56 1.51 28.10
CA THR F 73 8.14 0.25 28.71
C THR F 73 8.95 -0.93 28.16
N PRO F 74 9.76 -1.56 29.02
CA PRO F 74 10.63 -2.65 28.54
C PRO F 74 9.90 -3.97 28.32
N TYR F 75 8.64 -4.05 28.68
CA TYR F 75 7.88 -5.28 28.50
C TYR F 75 6.37 -5.04 28.54
N GLU F 76 5.67 -5.58 27.55
CA GLU F 76 4.22 -5.50 27.49
C GLU F 76 3.64 -6.82 26.97
N ASP F 77 2.51 -7.21 27.53
CA ASP F 77 1.80 -8.41 27.09
C ASP F 77 0.35 -8.06 26.84
N LEU F 78 -0.08 -8.17 25.59
CA LEU F 78 -1.43 -7.78 25.17
C LEU F 78 -2.23 -9.00 24.75
N THR F 79 -3.43 -9.14 25.31
CA THR F 79 -4.29 -10.27 24.99
C THR F 79 -5.67 -9.81 24.55
N TYR F 80 -6.17 -10.44 23.49
CA TYR F 80 -7.53 -10.21 23.03
C TYR F 80 -8.21 -11.57 22.86
N PHE F 81 -9.30 -11.74 23.60
CA PHE F 81 -10.06 -12.98 23.61
C PHE F 81 -11.41 -12.73 22.96
N TYR F 82 -11.74 -13.54 21.96
CA TYR F 82 -13.03 -13.45 21.30
C TYR F 82 -13.69 -14.81 21.18
N GLU F 83 -14.94 -14.89 21.61
CA GLU F 83 -15.64 -16.16 21.66
C GLU F 83 -17.07 -16.02 21.18
N CYS F 84 -17.50 -16.94 20.32
CA CYS F 84 -18.91 -17.02 19.92
C CYS F 84 -19.47 -18.35 20.41
N ASP F 85 -20.73 -18.33 20.78
CA ASP F 85 -21.40 -19.47 21.38
C ASP F 85 -22.71 -19.75 20.65
N TYR F 86 -22.92 -21.02 20.31
CA TYR F 86 -24.15 -21.45 19.66
C TYR F 86 -24.81 -22.52 20.52
N THR F 87 -25.90 -22.14 21.17
CA THR F 87 -26.61 -23.01 22.10
C THR F 87 -28.11 -22.85 21.91
N ASP F 88 -28.82 -23.95 21.69
CA ASP F 88 -30.26 -23.90 21.49
C ASP F 88 -30.59 -22.92 20.35
N ASN F 89 -29.82 -23.00 19.28
CA ASN F 89 -30.02 -22.17 18.09
C ASN F 89 -29.87 -20.67 18.36
N LYS F 90 -29.26 -20.32 19.48
CA LYS F 90 -29.06 -18.92 19.85
C LYS F 90 -27.58 -18.53 19.77
N SER F 91 -27.33 -17.42 19.07
CA SER F 91 -25.97 -16.90 18.92
C SER F 91 -25.65 -15.86 20.00
N THR F 92 -24.57 -16.09 20.75
CA THR F 92 -24.10 -15.11 21.71
C THR F 92 -22.58 -14.97 21.61
N PHE F 93 -22.07 -13.85 22.12
CA PHE F 93 -20.67 -13.51 21.94
C PHE F 93 -20.07 -12.95 23.21
N ASP F 94 -18.75 -13.05 23.31
CA ASP F 94 -18.01 -12.51 24.44
C ASP F 94 -16.64 -12.09 23.97
N GLN F 95 -16.13 -11.00 24.53
CA GLN F 95 -14.76 -10.60 24.26
C GLN F 95 -14.14 -9.95 25.48
N ASP F 96 -12.84 -10.21 25.67
CA ASP F 96 -12.08 -9.66 26.78
C ASP F 96 -10.78 -9.07 26.27
N TYR F 97 -10.29 -8.07 26.99
CA TYR F 97 -8.97 -7.49 26.73
C TYR F 97 -8.13 -7.58 27.99
N LEU F 98 -6.90 -8.09 27.86
CA LEU F 98 -5.98 -8.12 29.00
C LEU F 98 -4.69 -7.36 28.69
N TYR F 99 -4.24 -6.56 29.65
CA TYR F 99 -2.94 -5.90 29.58
C TYR F 99 -2.08 -6.44 30.71
N ASN F 100 -1.03 -7.17 30.35
CA ASN F 100 -0.18 -7.85 31.33
C ASN F 100 -1.01 -8.75 32.24
N GLY F 101 -1.98 -9.44 31.66
CA GLY F 101 -2.78 -10.41 32.39
C GLY F 101 -3.95 -9.79 33.14
N GLU F 102 -3.97 -8.46 33.20
CA GLU F 102 -5.02 -7.73 33.89
C GLU F 102 -6.13 -7.32 32.93
N GLU F 103 -7.36 -7.73 33.21
CA GLU F 103 -8.47 -7.43 32.33
C GLU F 103 -8.87 -5.97 32.44
N TYR F 104 -9.25 -5.37 31.31
CA TYR F 104 -9.66 -3.97 31.30
C TYR F 104 -10.63 -3.71 30.15
N THR F 105 -11.34 -2.59 30.23
CA THR F 105 -12.33 -2.22 29.22
C THR F 105 -12.42 -0.71 28.98
N VAL F 106 -11.70 0.08 29.79
CA VAL F 106 -11.82 1.53 29.73
C VAL F 106 -10.64 2.19 29.02
N LYS F 107 -10.96 3.00 28.01
CA LYS F 107 -9.97 3.73 27.25
C LYS F 107 -9.64 5.04 27.95
N THR F 108 -8.35 5.38 28.02
CA THR F 108 -7.91 6.67 28.55
C THR F 108 -7.50 7.58 27.40
N GLN F 109 -7.10 8.80 27.72
CA GLN F 109 -6.87 9.82 26.69
C GLN F 109 -5.50 9.70 26.02
N GLU F 110 -4.48 9.36 26.80
CA GLU F 110 -3.11 9.35 26.30
C GLU F 110 -2.87 8.23 25.29
N ALA F 111 -1.88 8.43 24.43
CA ALA F 111 -1.55 7.47 23.38
C ALA F 111 -0.66 6.37 23.91
N THR F 112 -1.22 5.17 24.04
CA THR F 112 -0.51 4.02 24.55
C THR F 112 -0.89 2.76 23.77
N ASN F 113 -0.02 1.76 23.82
CA ASN F 113 -0.34 0.48 23.22
C ASN F 113 -1.59 -0.12 23.87
N LYS F 114 -1.75 0.12 25.17
CA LYS F 114 -2.88 -0.40 25.91
C LYS F 114 -4.18 0.13 25.35
N ASN F 115 -4.23 1.44 25.09
CA ASN F 115 -5.42 2.07 24.53
C ASN F 115 -5.69 1.68 23.09
N MET F 116 -4.63 1.58 22.30
CA MET F 116 -4.77 1.29 20.88
C MET F 116 -5.19 -0.17 20.69
N TRP F 117 -4.68 -1.04 21.55
CA TRP F 117 -5.05 -2.46 21.54
C TRP F 117 -6.54 -2.59 21.83
N LEU F 118 -7.01 -1.76 22.75
CA LEU F 118 -8.41 -1.77 23.18
C LEU F 118 -9.35 -1.28 22.09
N THR F 119 -8.95 -0.22 21.40
CA THR F 119 -9.84 0.40 20.42
C THR F 119 -9.76 -0.24 19.04
N THR F 120 -8.78 -1.13 18.80
CA THR F 120 -8.56 -1.65 17.45
C THR F 120 -8.65 -3.16 17.30
N SER F 121 -8.62 -3.90 18.40
CA SER F 121 -8.55 -5.35 18.30
C SER F 121 -9.78 -5.95 17.62
N GLU F 122 -10.96 -5.48 18.02
CA GLU F 122 -12.19 -5.99 17.40
C GLU F 122 -12.23 -5.61 15.92
N PHE F 123 -11.96 -4.35 15.64
CA PHE F 123 -11.83 -3.84 14.29
C PHE F 123 -10.91 -4.73 13.43
N ARG F 124 -9.76 -5.08 13.98
CA ARG F 124 -8.75 -5.82 13.23
C ARG F 124 -9.11 -7.31 13.05
N LEU F 125 -9.95 -7.84 13.93
CA LEU F 125 -10.42 -9.21 13.78
C LEU F 125 -11.54 -9.29 12.74
N LYS F 126 -12.48 -8.35 12.82
CA LYS F 126 -13.75 -8.48 12.12
C LYS F 126 -13.77 -7.93 10.70
N LYS F 127 -12.61 -7.57 10.17
CA LYS F 127 -12.52 -7.06 8.81
C LYS F 127 -13.20 -8.02 7.83
N TRP F 128 -12.86 -9.30 7.91
CA TRP F 128 -13.46 -10.33 7.05
C TRP F 128 -14.19 -11.42 7.84
N PHE F 129 -14.26 -11.23 9.15
CA PHE F 129 -14.73 -12.27 10.07
C PHE F 129 -15.61 -11.68 11.17
N ASP F 130 -16.91 -11.52 10.89
CA ASP F 130 -17.82 -10.95 11.87
C ASP F 130 -18.43 -12.05 12.73
N GLY F 131 -19.29 -11.65 13.66
CA GLY F 131 -19.91 -12.59 14.58
C GLY F 131 -20.69 -13.70 13.89
N GLU F 132 -21.40 -13.34 12.82
CA GLU F 132 -22.17 -14.33 12.09
C GLU F 132 -21.24 -15.33 11.41
N ASP F 133 -20.13 -14.86 10.87
CA ASP F 133 -19.13 -15.77 10.31
C ASP F 133 -18.67 -16.74 11.38
N CYS F 134 -18.38 -16.23 12.57
CA CYS F 134 -17.87 -17.06 13.66
C CYS F 134 -18.84 -18.20 14.00
N ILE F 135 -20.13 -17.88 14.07
CA ILE F 135 -21.14 -18.88 14.36
C ILE F 135 -21.21 -19.93 13.25
N MET F 136 -21.13 -19.50 12.00
CA MET F 136 -21.21 -20.44 10.89
C MET F 136 -19.96 -21.32 10.83
N HIS F 137 -18.79 -20.75 11.13
CA HIS F 137 -17.56 -21.53 11.25
C HIS F 137 -17.70 -22.56 12.35
N LEU F 138 -18.21 -22.12 13.50
CA LEU F 138 -18.39 -23.00 14.65
C LEU F 138 -19.27 -24.19 14.30
N ARG F 139 -20.41 -23.94 13.65
CA ARG F 139 -21.32 -25.02 13.28
C ARG F 139 -20.65 -25.95 12.28
N SER F 140 -19.86 -25.39 11.37
CA SER F 140 -19.15 -26.18 10.38
C SER F 140 -18.04 -27.02 11.03
N LEU F 141 -17.39 -26.47 12.04
CA LEU F 141 -16.31 -27.18 12.71
C LEU F 141 -16.86 -28.28 13.62
N VAL F 142 -18.04 -28.04 14.21
CA VAL F 142 -18.69 -29.07 15.01
C VAL F 142 -19.08 -30.25 14.12
N ARG F 143 -19.50 -29.94 12.90
CA ARG F 143 -19.83 -30.99 11.92
C ARG F 143 -18.60 -31.87 11.66
N LYS F 144 -17.45 -31.24 11.42
CA LYS F 144 -16.21 -31.98 11.21
C LYS F 144 -15.86 -32.83 12.44
N MET F 145 -15.95 -32.21 13.61
CA MET F 145 -15.56 -32.85 14.85
C MET F 145 -16.40 -34.09 15.11
N GLU F 146 -17.71 -33.98 14.89
CA GLU F 146 -18.62 -35.09 15.15
C GLU F 146 -18.46 -36.22 14.14
N ASP F 147 -18.03 -35.90 12.92
CA ASP F 147 -17.84 -36.90 11.88
C ASP F 147 -16.43 -37.49 11.91
N SER F 148 -15.62 -37.07 12.87
CA SER F 148 -14.24 -37.54 12.97
C SER F 148 -14.18 -39.04 13.31
N LYS F 149 -13.32 -39.75 12.60
CA LYS F 149 -13.18 -41.20 12.77
C LYS F 149 -12.24 -41.53 13.93
N ARG F 150 -12.12 -40.60 14.88
CA ARG F 150 -11.18 -40.74 15.98
C ARG F 150 -11.61 -39.89 17.17
#